data_2WFY
#
_entry.id   2WFY
#
_cell.length_a   74.621
_cell.length_b   115.813
_cell.length_c   157.911
_cell.angle_alpha   90.00
_cell.angle_beta   90.00
_cell.angle_gamma   90.00
#
_symmetry.space_group_name_H-M   'P 21 21 21'
#
loop_
_entity.id
_entity.type
_entity.pdbx_description
1 polymer 'CELL DIVISION PROTEIN KINASE 2'
2 polymer CYCLIN-A2
3 polymer ARG-ARG-B3L-PHE
4 water water
#
loop_
_entity_poly.entity_id
_entity_poly.type
_entity_poly.pdbx_seq_one_letter_code
_entity_poly.pdbx_strand_id
1 'polypeptide(L)'
;MENFQKVEKIGEGTYGVVYKARNKLTGEVVALKKIRLDTETEGVPSTAIREISLLKELNHPNIVKLLDVIHTENKLYLVF
EFLHQDLKKFMDASALTGIPLPLIKSYLFQLLQGLAFCHSHRVLHRDLKPQNLLINTEGAIKLADFGLARAFGVPVRTYT
HEVVTLWYRAPEILLGCKYYSTAVDIWSLGCIFAEMVTRRALFPGDSEIDQLFRIFRTLGTPDEVVWPGVTSMPDYKPSF
PKWARQDFSKVVPPLDEDGRSLLSQMLHYDPNKRISAKAALAHPFFQDVTKPVPHLRL
;
A,C
2 'polypeptide(L)'
;NEVPDYHEDIHTYLREMEVKCKPKVGYMKKQPDITNSMRAILVDWLVEVGEEYKLQNETLHLAVNYIDRFLSSMSVLRGK
LQLVGTAAMLLASKFEEIYPPEVAEFVYITDDTYTKKQVLRMEHLVLKVLTFDLAAPTVNQFLTQYFLHQQPANCKVESL
AMFLGELSLIDADPYLKYLPSVIAGAAFHLALYTVTGQSWPESLIRKTGYTLESLKPCLMDLHQTYLKAPQHAQQSIREK
YKNSKYHGVSLLNPPETLNL
;
B,D
3 'polypeptide(L)' (ACE)RR(B3L)F(NH2) E,F
#
# COMPACT_ATOMS: atom_id res chain seq x y z
N MET A 1 0.62 -11.74 -16.79
CA MET A 1 0.01 -12.88 -17.58
C MET A 1 0.98 -13.85 -18.25
N GLU A 2 2.13 -13.32 -18.63
CA GLU A 2 3.18 -14.11 -19.26
C GLU A 2 3.71 -15.18 -18.33
N ASN A 3 3.52 -14.99 -17.04
CA ASN A 3 4.02 -16.00 -16.10
C ASN A 3 3.01 -17.13 -15.84
N PHE A 4 1.80 -17.08 -16.44
CA PHE A 4 0.81 -18.13 -16.28
C PHE A 4 0.69 -19.04 -17.47
N GLN A 5 0.50 -20.33 -17.20
CA GLN A 5 0.22 -21.29 -18.26
C GLN A 5 -1.15 -21.95 -17.96
N LYS A 6 -2.05 -21.90 -18.94
CA LYS A 6 -3.37 -22.49 -18.80
C LYS A 6 -3.29 -24.02 -18.84
N VAL A 7 -4.07 -24.68 -18.00
CA VAL A 7 -3.99 -26.13 -17.98
C VAL A 7 -5.30 -26.70 -18.54
N GLU A 8 -6.43 -26.20 -18.08
CA GLU A 8 -7.73 -26.65 -18.60
C GLU A 8 -8.85 -25.75 -18.10
N LYS A 9 -9.90 -25.62 -18.92
CA LYS A 9 -11.12 -25.00 -18.48
C LYS A 9 -11.76 -25.83 -17.35
N ILE A 10 -12.18 -25.16 -16.30
CA ILE A 10 -12.81 -25.85 -15.21
C ILE A 10 -14.24 -25.35 -14.98
N GLY A 11 -14.89 -24.92 -16.06
CA GLY A 11 -16.33 -24.68 -16.02
C GLY A 11 -16.59 -23.22 -16.29
N GLU A 12 -17.85 -22.86 -16.41
CA GLU A 12 -18.23 -21.47 -16.67
C GLU A 12 -18.94 -20.86 -15.46
N GLY A 13 -18.96 -19.55 -15.42
CA GLY A 13 -19.54 -18.85 -14.28
C GLY A 13 -20.05 -17.46 -14.58
N THR A 14 -19.99 -16.59 -13.55
CA THR A 14 -20.52 -15.23 -13.64
C THR A 14 -19.77 -14.39 -14.67
N TYR A 15 -18.44 -14.45 -14.68
CA TYR A 15 -17.67 -13.66 -15.66
C TYR A 15 -17.09 -14.51 -16.82
N GLY A 16 -17.65 -15.71 -16.99
CA GLY A 16 -17.38 -16.56 -18.14
C GLY A 16 -16.41 -17.67 -17.74
N VAL A 17 -15.67 -18.16 -18.72
CA VAL A 17 -14.78 -19.33 -18.60
C VAL A 17 -13.78 -19.17 -17.44
N VAL A 18 -13.70 -20.18 -16.57
CA VAL A 18 -12.65 -20.25 -15.55
C VAL A 18 -11.58 -21.27 -15.96
N TYR A 19 -10.32 -20.81 -16.02
CA TYR A 19 -9.16 -21.71 -16.22
C TYR A 19 -8.40 -22.15 -14.98
N LYS A 20 -7.88 -23.37 -15.01
CA LYS A 20 -6.86 -23.74 -14.05
C LYS A 20 -5.56 -23.33 -14.74
N ALA A 21 -4.68 -22.73 -13.97
CA ALA A 21 -3.46 -22.24 -14.56
C ALA A 21 -2.32 -22.46 -13.60
N ARG A 22 -1.10 -22.45 -14.11
CA ARG A 22 0.03 -22.60 -13.20
C ARG A 22 1.07 -21.49 -13.39
N ASN A 23 1.48 -20.88 -12.29
CA ASN A 23 2.54 -19.87 -12.30
C ASN A 23 3.85 -20.52 -12.65
N LYS A 24 4.42 -20.09 -13.77
CA LYS A 24 5.56 -20.77 -14.36
C LYS A 24 6.79 -20.58 -13.54
N LEU A 25 6.78 -19.60 -12.65
CA LEU A 25 7.99 -19.28 -11.88
C LEU A 25 7.97 -19.75 -10.42
N THR A 26 6.80 -19.76 -9.78
CA THR A 26 6.70 -20.26 -8.40
C THR A 26 6.18 -21.70 -8.31
N GLY A 27 5.55 -22.18 -9.38
CA GLY A 27 4.91 -23.49 -9.40
C GLY A 27 3.49 -23.55 -8.93
N GLU A 28 3.00 -22.45 -8.37
CA GLU A 28 1.63 -22.35 -7.82
C GLU A 28 0.51 -22.65 -8.82
N VAL A 29 -0.61 -23.23 -8.36
CA VAL A 29 -1.81 -23.52 -9.17
C VAL A 29 -2.97 -22.60 -8.78
N VAL A 30 -3.77 -22.18 -9.76
CA VAL A 30 -4.51 -20.96 -9.61
C VAL A 30 -5.71 -21.07 -10.54
N ALA A 31 -6.83 -20.42 -10.20
CA ALA A 31 -7.99 -20.35 -11.08
C ALA A 31 -7.99 -18.95 -11.61
N LEU A 32 -7.94 -18.84 -12.92
CA LEU A 32 -8.08 -17.57 -13.60
C LEU A 32 -9.51 -17.34 -14.02
N LYS A 33 -10.03 -16.14 -13.78
CA LYS A 33 -11.30 -15.76 -14.36
C LYS A 33 -11.08 -14.62 -15.32
N LYS A 34 -11.63 -14.72 -16.53
CA LYS A 34 -11.38 -13.68 -17.52
C LYS A 34 -12.61 -12.83 -17.84
N ILE A 35 -12.48 -11.53 -17.57
CA ILE A 35 -13.46 -10.55 -18.01
C ILE A 35 -12.92 -9.90 -19.29
N ARG A 36 -13.78 -9.88 -20.30
CA ARG A 36 -13.56 -9.25 -21.60
C ARG A 36 -13.97 -7.76 -21.49
N LEU A 37 -12.99 -6.87 -21.44
CA LEU A 37 -13.24 -5.42 -21.43
C LEU A 37 -13.73 -4.87 -22.77
N ASP A 38 -14.95 -5.28 -23.15
CA ASP A 38 -15.64 -4.71 -24.30
C ASP A 38 -15.71 -3.19 -24.14
N THR A 39 -14.93 -2.52 -24.99
CA THR A 39 -14.81 -1.07 -24.94
C THR A 39 -16.06 -0.38 -25.51
N GLU A 40 -16.99 -1.20 -26.03
CA GLU A 40 -18.24 -0.69 -26.61
C GLU A 40 -19.47 -0.82 -25.69
N THR A 41 -19.37 -1.64 -24.64
CA THR A 41 -20.52 -1.86 -23.78
C THR A 41 -20.49 -0.98 -22.54
N GLU A 42 -20.30 -1.60 -21.38
CA GLU A 42 -20.69 -0.97 -20.15
C GLU A 42 -19.50 -0.80 -19.22
N GLY A 43 -18.33 -1.19 -19.70
CA GLY A 43 -17.09 -1.20 -18.89
C GLY A 43 -16.98 -2.41 -17.99
N VAL A 44 -16.34 -2.25 -16.84
CA VAL A 44 -16.19 -3.36 -15.92
C VAL A 44 -17.56 -3.68 -15.34
N PRO A 45 -17.98 -4.94 -15.38
CA PRO A 45 -19.29 -5.22 -14.83
C PRO A 45 -19.34 -5.11 -13.30
N SER A 46 -20.56 -4.95 -12.77
CA SER A 46 -20.71 -4.64 -11.36
C SER A 46 -20.42 -5.84 -10.49
N THR A 47 -20.53 -7.03 -11.06
CA THR A 47 -20.13 -8.25 -10.40
C THR A 47 -18.64 -8.32 -10.09
N ALA A 48 -17.82 -7.84 -11.01
CA ALA A 48 -16.40 -7.72 -10.74
C ALA A 48 -16.07 -6.58 -9.77
N ILE A 49 -16.73 -5.44 -9.92
CA ILE A 49 -16.55 -4.31 -8.99
C ILE A 49 -16.76 -4.75 -7.57
N ARG A 50 -17.86 -5.45 -7.33
CA ARG A 50 -18.22 -5.90 -6.00
C ARG A 50 -17.34 -7.05 -5.52
N GLU A 51 -17.06 -8.02 -6.37
CA GLU A 51 -16.30 -9.16 -5.90
C GLU A 51 -14.89 -8.71 -5.58
N ILE A 52 -14.28 -7.90 -6.44
CA ILE A 52 -12.92 -7.47 -6.17
C ILE A 52 -12.82 -6.64 -4.90
N SER A 53 -13.67 -5.62 -4.76
CA SER A 53 -13.49 -4.70 -3.67
C SER A 53 -13.83 -5.35 -2.36
N LEU A 54 -14.84 -6.23 -2.34
CA LEU A 54 -15.23 -6.99 -1.13
C LEU A 54 -14.28 -8.10 -0.69
N LEU A 55 -13.82 -8.88 -1.66
CA LEU A 55 -12.91 -9.99 -1.44
C LEU A 55 -11.51 -9.53 -0.96
N LYS A 56 -11.12 -8.33 -1.38
CA LYS A 56 -9.87 -7.74 -0.92
C LYS A 56 -9.88 -7.37 0.56
N GLU A 57 -11.05 -7.07 1.14
CA GLU A 57 -11.15 -6.81 2.60
C GLU A 57 -11.28 -8.13 3.38
N LEU A 58 -11.89 -9.13 2.76
CA LEU A 58 -12.17 -10.39 3.43
C LEU A 58 -11.01 -11.40 3.43
N ASN A 59 -10.26 -11.49 4.51
CA ASN A 59 -9.23 -12.51 4.53
C ASN A 59 -9.41 -13.55 5.64
N HIS A 60 -9.73 -14.78 5.25
CA HIS A 60 -10.22 -15.83 6.16
C HIS A 60 -10.00 -17.19 5.53
N PRO A 61 -9.65 -18.21 6.34
CA PRO A 61 -9.41 -19.53 5.73
C PRO A 61 -10.65 -20.14 5.05
N ASN A 62 -11.85 -19.64 5.35
CA ASN A 62 -13.06 -20.17 4.72
C ASN A 62 -13.72 -19.22 3.72
N ILE A 63 -12.96 -18.28 3.17
CA ILE A 63 -13.38 -17.43 2.04
C ILE A 63 -12.30 -17.53 0.95
N VAL A 64 -12.66 -17.70 -0.31
CA VAL A 64 -11.62 -17.87 -1.34
C VAL A 64 -10.70 -16.69 -1.36
N LYS A 65 -9.39 -16.93 -1.37
CA LYS A 65 -8.39 -15.85 -1.46
C LYS A 65 -8.32 -15.31 -2.89
N LEU A 66 -8.38 -13.98 -3.03
CA LEU A 66 -8.15 -13.33 -4.32
C LEU A 66 -6.68 -12.99 -4.35
N LEU A 67 -5.92 -13.62 -5.25
CA LEU A 67 -4.48 -13.48 -5.16
C LEU A 67 -3.97 -12.26 -5.89
N ASP A 68 -4.62 -11.88 -6.97
CA ASP A 68 -4.09 -10.81 -7.76
C ASP A 68 -5.14 -10.43 -8.76
N VAL A 69 -4.98 -9.21 -9.28
CA VAL A 69 -5.84 -8.66 -10.30
C VAL A 69 -4.98 -8.11 -11.44
N ILE A 70 -5.16 -8.62 -12.66
CA ILE A 70 -4.27 -8.24 -13.76
C ILE A 70 -5.01 -7.42 -14.81
N HIS A 71 -4.44 -6.25 -15.06
CA HIS A 71 -4.98 -5.18 -15.89
C HIS A 71 -4.28 -5.09 -17.22
N THR A 72 -5.02 -5.11 -18.30
CA THR A 72 -4.42 -4.69 -19.53
C THR A 72 -5.40 -3.73 -20.16
N GLU A 73 -5.00 -3.18 -21.30
CA GLU A 73 -5.85 -2.43 -22.20
C GLU A 73 -7.24 -3.05 -22.36
N ASN A 74 -7.31 -4.34 -22.66
CA ASN A 74 -8.54 -4.95 -23.19
C ASN A 74 -9.02 -6.13 -22.38
N LYS A 75 -8.27 -6.46 -21.33
CA LYS A 75 -8.60 -7.59 -20.49
C LYS A 75 -8.38 -7.27 -19.02
N LEU A 76 -9.26 -7.80 -18.18
CA LEU A 76 -9.05 -7.84 -16.74
C LEU A 76 -9.03 -9.33 -16.35
N TYR A 77 -7.93 -9.78 -15.77
CA TYR A 77 -7.87 -11.13 -15.19
C TYR A 77 -7.94 -11.18 -13.70
N LEU A 78 -8.78 -12.04 -13.16
CA LEU A 78 -8.73 -12.28 -11.73
C LEU A 78 -8.02 -13.57 -11.41
N VAL A 79 -7.24 -13.57 -10.33
CA VAL A 79 -6.42 -14.71 -9.98
C VAL A 79 -6.79 -15.15 -8.57
N PHE A 80 -7.40 -16.33 -8.46
CA PHE A 80 -7.91 -16.82 -7.18
C PHE A 80 -7.10 -18.06 -6.80
N GLU A 81 -7.06 -18.38 -5.51
CA GLU A 81 -6.55 -19.67 -5.10
C GLU A 81 -7.36 -20.81 -5.73
N PHE A 82 -6.69 -21.93 -5.95
CA PHE A 82 -7.32 -23.01 -6.68
C PHE A 82 -7.99 -24.02 -5.76
N LEU A 83 -9.28 -24.25 -5.99
CA LEU A 83 -10.01 -25.34 -5.31
C LEU A 83 -10.69 -26.25 -6.30
N HIS A 84 -10.44 -27.54 -6.18
CA HIS A 84 -10.73 -28.38 -7.34
C HIS A 84 -12.18 -28.73 -7.61
N GLN A 85 -13.09 -28.56 -6.64
CA GLN A 85 -14.51 -28.67 -6.97
C GLN A 85 -15.48 -28.01 -6.00
N ASP A 86 -16.74 -27.96 -6.39
CA ASP A 86 -17.74 -27.29 -5.58
C ASP A 86 -18.66 -28.29 -4.89
N LEU A 87 -19.44 -27.81 -3.93
CA LEU A 87 -20.30 -28.66 -3.14
C LEU A 87 -21.29 -29.41 -4.01
N LYS A 88 -21.78 -28.76 -5.05
CA LYS A 88 -22.82 -29.31 -5.88
C LYS A 88 -22.33 -30.57 -6.53
N LYS A 89 -21.18 -30.49 -7.20
CA LYS A 89 -20.54 -31.67 -7.75
C LYS A 89 -20.16 -32.71 -6.71
N PHE A 90 -19.73 -32.29 -5.53
CA PHE A 90 -19.41 -33.30 -4.53
C PHE A 90 -20.68 -34.05 -4.14
N MET A 91 -21.80 -33.36 -4.12
CA MET A 91 -23.02 -33.98 -3.65
C MET A 91 -23.58 -34.92 -4.68
N ASP A 92 -23.38 -34.65 -5.95
CA ASP A 92 -23.83 -35.61 -6.96
C ASP A 92 -22.94 -36.84 -7.03
N ALA A 93 -21.62 -36.65 -6.86
CA ALA A 93 -20.70 -37.77 -6.81
C ALA A 93 -20.83 -38.49 -5.49
N SER A 94 -21.48 -37.88 -4.50
CA SER A 94 -21.73 -38.53 -3.21
C SER A 94 -23.13 -39.11 -3.04
N ALA A 95 -24.04 -38.88 -4.00
CA ALA A 95 -25.39 -39.46 -4.00
C ALA A 95 -25.32 -40.98 -3.95
N LEU A 96 -26.26 -41.62 -3.26
CA LEU A 96 -26.21 -43.10 -3.05
C LEU A 96 -25.62 -43.47 -1.71
N THR A 97 -24.37 -43.12 -1.49
CA THR A 97 -23.75 -43.38 -0.20
C THR A 97 -24.16 -42.29 0.76
N GLY A 98 -24.35 -41.07 0.22
CA GLY A 98 -24.41 -39.83 1.01
C GLY A 98 -23.06 -39.34 1.56
N ILE A 99 -22.96 -38.04 1.80
CA ILE A 99 -21.86 -37.42 2.53
C ILE A 99 -21.92 -37.82 4.01
N PRO A 100 -20.87 -38.45 4.53
CA PRO A 100 -20.79 -38.84 5.94
C PRO A 100 -21.08 -37.68 6.90
N LEU A 101 -21.75 -37.97 8.01
CA LEU A 101 -22.25 -36.93 8.90
C LEU A 101 -21.15 -36.05 9.52
N PRO A 102 -20.03 -36.66 9.93
CA PRO A 102 -18.94 -35.83 10.46
C PRO A 102 -18.42 -34.82 9.42
N LEU A 103 -18.65 -35.09 8.14
CA LEU A 103 -18.14 -34.20 7.10
C LEU A 103 -19.17 -33.09 6.89
N ILE A 104 -20.45 -33.44 7.01
CA ILE A 104 -21.48 -32.42 6.96
C ILE A 104 -21.26 -31.38 8.04
N LYS A 105 -21.03 -31.91 9.23
CA LYS A 105 -20.86 -31.10 10.47
C LYS A 105 -19.63 -30.18 10.39
N SER A 106 -18.56 -30.70 9.82
CA SER A 106 -17.32 -29.95 9.65
C SER A 106 -17.53 -28.85 8.63
N TYR A 107 -18.06 -29.21 7.48
CA TYR A 107 -18.36 -28.23 6.42
C TYR A 107 -19.27 -27.12 6.94
N LEU A 108 -20.36 -27.49 7.59
CA LEU A 108 -21.29 -26.46 8.11
C LEU A 108 -20.60 -25.54 9.12
N PHE A 109 -19.76 -26.12 9.97
CA PHE A 109 -18.98 -25.39 10.97
C PHE A 109 -18.07 -24.38 10.28
N GLN A 110 -17.39 -24.82 9.23
CA GLN A 110 -16.47 -23.94 8.50
C GLN A 110 -17.25 -22.86 7.78
N LEU A 111 -18.39 -23.22 7.21
CA LEU A 111 -19.16 -22.24 6.43
C LEU A 111 -19.70 -21.16 7.33
N LEU A 112 -20.09 -21.52 8.56
CA LEU A 112 -20.60 -20.54 9.52
C LEU A 112 -19.49 -19.60 9.99
N GLN A 113 -18.27 -20.09 10.02
CA GLN A 113 -17.14 -19.22 10.40
C GLN A 113 -16.84 -18.18 9.32
N GLY A 114 -16.96 -18.57 8.04
CA GLY A 114 -16.76 -17.61 6.95
C GLY A 114 -17.89 -16.60 6.88
N LEU A 115 -19.11 -17.08 7.05
CA LEU A 115 -20.25 -16.20 7.06
C LEU A 115 -20.19 -15.18 8.22
N ALA A 116 -19.77 -15.63 9.39
CA ALA A 116 -19.70 -14.75 10.56
C ALA A 116 -18.69 -13.67 10.25
N PHE A 117 -17.63 -14.05 9.54
CA PHE A 117 -16.59 -13.10 9.21
C PHE A 117 -17.09 -12.06 8.17
N CYS A 118 -17.93 -12.49 7.23
CA CYS A 118 -18.50 -11.56 6.26
C CYS A 118 -19.40 -10.59 6.94
N HIS A 119 -20.31 -11.11 7.76
CA HIS A 119 -21.37 -10.32 8.35
C HIS A 119 -20.80 -9.29 9.32
N SER A 120 -19.80 -9.67 10.10
CA SER A 120 -19.15 -8.74 11.00
C SER A 120 -18.28 -7.69 10.21
N HIS A 121 -18.06 -7.93 8.93
CA HIS A 121 -17.38 -6.98 8.07
C HIS A 121 -18.37 -6.27 7.13
N ARG A 122 -19.59 -6.09 7.59
CA ARG A 122 -20.65 -5.52 6.75
C ARG A 122 -20.75 -6.04 5.30
N VAL A 123 -20.58 -7.33 5.11
CA VAL A 123 -20.75 -7.90 3.77
C VAL A 123 -21.81 -8.97 3.75
N LEU A 124 -22.84 -8.79 2.92
CA LEU A 124 -23.83 -9.85 2.67
C LEU A 124 -23.40 -10.65 1.45
N HIS A 125 -23.41 -11.98 1.56
CA HIS A 125 -23.07 -12.79 0.40
C HIS A 125 -24.13 -12.76 -0.70
N ARG A 126 -25.37 -13.02 -0.30
CA ARG A 126 -26.54 -12.80 -1.13
C ARG A 126 -26.91 -13.97 -2.02
N ASP A 127 -25.93 -14.79 -2.36
CA ASP A 127 -26.14 -15.90 -3.29
C ASP A 127 -25.47 -17.21 -2.87
N LEU A 128 -25.79 -17.72 -1.68
CA LEU A 128 -25.18 -18.96 -1.20
C LEU A 128 -25.92 -20.15 -1.78
N LYS A 129 -25.15 -21.03 -2.42
CA LYS A 129 -25.69 -22.26 -2.95
C LYS A 129 -24.56 -23.24 -3.17
N PRO A 130 -24.87 -24.53 -3.29
CA PRO A 130 -23.85 -25.55 -3.43
C PRO A 130 -22.85 -25.27 -4.54
N GLN A 131 -23.29 -24.72 -5.68
CA GLN A 131 -22.37 -24.28 -6.73
C GLN A 131 -21.34 -23.20 -6.31
N ASN A 132 -21.68 -22.34 -5.34
CA ASN A 132 -20.77 -21.25 -4.91
C ASN A 132 -19.90 -21.56 -3.65
N LEU A 133 -19.86 -22.84 -3.26
CA LEU A 133 -19.02 -23.32 -2.17
C LEU A 133 -17.96 -24.28 -2.72
N LEU A 134 -16.69 -24.04 -2.44
CA LEU A 134 -15.64 -24.89 -3.00
C LEU A 134 -14.92 -25.67 -1.94
N ILE A 135 -14.42 -26.83 -2.34
CA ILE A 135 -13.72 -27.72 -1.42
C ILE A 135 -12.35 -28.13 -1.96
N ASN A 136 -11.39 -28.33 -1.06
CA ASN A 136 -10.12 -28.97 -1.44
C ASN A 136 -10.15 -30.44 -1.03
N THR A 137 -9.06 -31.17 -1.30
CA THR A 137 -8.99 -32.57 -0.82
C THR A 137 -8.56 -32.77 0.63
N GLU A 138 -8.38 -31.71 1.41
CA GLU A 138 -8.05 -31.92 2.79
C GLU A 138 -9.21 -31.64 3.74
N GLY A 139 -10.38 -31.41 3.18
CA GLY A 139 -11.48 -31.13 4.07
C GLY A 139 -11.77 -29.69 4.43
N ALA A 140 -11.22 -28.74 3.68
CA ALA A 140 -11.69 -27.34 3.79
C ALA A 140 -12.85 -27.09 2.84
N ILE A 141 -13.69 -26.15 3.21
CA ILE A 141 -14.73 -25.60 2.36
C ILE A 141 -14.76 -24.07 2.47
N LYS A 142 -15.09 -23.39 1.37
CA LYS A 142 -14.88 -21.93 1.28
C LYS A 142 -15.99 -21.23 0.54
N LEU A 143 -16.44 -20.08 1.06
CA LEU A 143 -17.39 -19.25 0.37
C LEU A 143 -16.75 -18.69 -0.87
N ALA A 144 -17.39 -18.86 -2.03
CA ALA A 144 -16.83 -18.30 -3.24
C ALA A 144 -17.91 -17.51 -3.98
N ASP A 145 -17.52 -16.86 -5.09
CA ASP A 145 -18.45 -16.12 -5.96
C ASP A 145 -19.18 -14.92 -5.35
N PHE A 146 -18.45 -13.82 -5.15
CA PHE A 146 -18.99 -12.69 -4.44
C PHE A 146 -19.60 -11.67 -5.39
N GLY A 147 -19.94 -12.11 -6.60
CA GLY A 147 -20.46 -11.18 -7.64
C GLY A 147 -21.74 -10.43 -7.32
N LEU A 148 -22.55 -10.96 -6.40
CA LEU A 148 -23.77 -10.30 -5.95
C LEU A 148 -23.69 -9.76 -4.53
N ALA A 149 -22.54 -9.89 -3.90
CA ALA A 149 -22.34 -9.59 -2.49
C ALA A 149 -22.50 -8.09 -2.34
N ARG A 150 -23.10 -7.63 -1.23
CA ARG A 150 -23.28 -6.20 -1.01
C ARG A 150 -22.77 -5.73 0.35
N ALA A 151 -22.14 -4.56 0.39
CA ALA A 151 -21.84 -3.85 1.66
C ALA A 151 -23.13 -3.28 2.21
N PHE A 152 -23.43 -3.60 3.46
CA PHE A 152 -24.61 -3.07 4.09
C PHE A 152 -24.33 -2.02 5.17
N GLY A 153 -23.36 -1.14 4.96
CA GLY A 153 -23.22 0.06 5.81
C GLY A 153 -24.50 0.89 5.85
N VAL A 154 -25.30 0.75 4.79
CA VAL A 154 -26.63 1.31 4.72
C VAL A 154 -27.54 0.14 4.25
N PRO A 155 -28.72 -0.04 4.84
CA PRO A 155 -29.43 -1.28 4.51
C PRO A 155 -29.65 -1.48 3.03
N VAL A 156 -29.50 -2.72 2.55
CA VAL A 156 -29.49 -3.00 1.12
C VAL A 156 -30.90 -3.23 0.56
N ARG A 157 -31.27 -2.41 -0.44
CA ARG A 157 -32.59 -2.47 -1.07
C ARG A 157 -32.73 -3.70 -1.95
N THR A 158 -33.86 -4.40 -1.83
CA THR A 158 -34.04 -5.64 -2.57
C THR A 158 -34.39 -5.37 -4.01
N TYR A 159 -34.06 -6.35 -4.84
CA TYR A 159 -34.48 -6.40 -6.24
C TYR A 159 -35.98 -6.55 -6.31
N THR A 160 -36.64 -5.68 -7.07
CA THR A 160 -38.00 -5.94 -7.53
C THR A 160 -38.23 -7.29 -8.20
N HIS A 161 -37.28 -7.88 -8.89
CA HIS A 161 -37.52 -9.17 -9.52
C HIS A 161 -36.24 -9.92 -9.37
N GLU A 162 -36.17 -10.70 -8.30
CA GLU A 162 -35.02 -11.47 -7.93
C GLU A 162 -34.48 -12.34 -9.07
N VAL A 163 -33.16 -12.34 -9.21
CA VAL A 163 -32.43 -12.89 -10.33
C VAL A 163 -31.84 -14.22 -9.85
N VAL A 164 -31.84 -14.38 -8.53
CA VAL A 164 -31.02 -15.38 -7.87
C VAL A 164 -31.72 -16.72 -7.57
N THR A 165 -31.88 -17.64 -8.52
CA THR A 165 -32.19 -19.04 -8.15
C THR A 165 -33.12 -19.28 -6.96
N LEU A 166 -34.28 -19.84 -7.25
CA LEU A 166 -35.41 -19.87 -6.37
C LEU A 166 -35.14 -20.61 -5.05
N TRP A 167 -34.35 -21.68 -5.11
CA TRP A 167 -34.45 -22.72 -4.11
C TRP A 167 -33.91 -22.34 -2.72
N TYR A 168 -33.10 -21.29 -2.64
CA TYR A 168 -32.43 -20.94 -1.40
C TYR A 168 -32.84 -19.58 -0.91
N ARG A 169 -33.98 -19.12 -1.42
CA ARG A 169 -34.52 -17.78 -1.14
C ARG A 169 -35.31 -17.84 0.14
N ALA A 170 -35.02 -16.92 1.04
CA ALA A 170 -35.72 -16.75 2.30
C ALA A 170 -37.14 -16.34 2.07
N PRO A 171 -38.04 -16.72 2.97
CA PRO A 171 -39.46 -16.29 2.89
C PRO A 171 -39.70 -14.77 2.85
N GLU A 172 -38.92 -13.97 3.60
CA GLU A 172 -39.13 -12.51 3.59
C GLU A 172 -38.81 -11.93 2.22
N ILE A 173 -37.92 -12.56 1.48
CA ILE A 173 -37.63 -12.06 0.12
C ILE A 173 -38.83 -12.35 -0.79
N LEU A 174 -39.28 -13.61 -0.76
CA LEU A 174 -40.48 -14.08 -1.47
C LEU A 174 -41.76 -13.29 -1.15
N LEU A 175 -41.87 -12.76 0.06
CA LEU A 175 -43.08 -12.00 0.41
C LEU A 175 -42.85 -10.54 0.07
N GLY A 176 -41.71 -10.25 -0.57
CA GLY A 176 -41.40 -8.90 -1.03
C GLY A 176 -41.00 -7.85 0.00
N CYS A 177 -40.20 -8.22 1.01
CA CYS A 177 -39.62 -7.23 1.93
C CYS A 177 -38.76 -6.16 1.20
N LYS A 178 -38.59 -5.01 1.83
CA LYS A 178 -37.93 -3.88 1.22
C LYS A 178 -36.38 -4.00 1.24
N TYR A 179 -35.82 -4.56 2.32
CA TYR A 179 -34.37 -4.72 2.49
C TYR A 179 -33.99 -6.17 2.81
N TYR A 180 -32.81 -6.59 2.35
CA TYR A 180 -32.21 -7.80 2.92
C TYR A 180 -31.66 -7.53 4.32
N SER A 181 -31.37 -8.61 5.05
CA SER A 181 -30.66 -8.58 6.31
C SER A 181 -29.76 -9.77 6.28
N THR A 182 -28.87 -9.90 7.27
CA THR A 182 -27.96 -11.02 7.28
C THR A 182 -28.72 -12.36 7.35
N ALA A 183 -29.94 -12.28 7.84
CA ALA A 183 -30.81 -13.43 7.96
C ALA A 183 -30.98 -14.19 6.64
N VAL A 184 -30.90 -13.50 5.52
CA VAL A 184 -31.14 -14.18 4.26
C VAL A 184 -30.01 -15.14 3.92
N ASP A 185 -28.80 -14.86 4.39
CA ASP A 185 -27.70 -15.77 4.20
C ASP A 185 -27.84 -17.00 5.07
N ILE A 186 -28.45 -16.83 6.25
CA ILE A 186 -28.61 -17.95 7.20
C ILE A 186 -29.61 -18.97 6.63
N TRP A 187 -30.66 -18.47 5.99
CA TRP A 187 -31.73 -19.30 5.47
C TRP A 187 -31.17 -20.18 4.36
N SER A 188 -30.49 -19.57 3.38
CA SER A 188 -29.77 -20.36 2.36
C SER A 188 -28.96 -21.49 2.95
N LEU A 189 -28.19 -21.17 4.00
CA LEU A 189 -27.29 -22.12 4.60
C LEU A 189 -28.07 -23.23 5.27
N GLY A 190 -29.16 -22.91 5.97
CA GLY A 190 -30.03 -23.93 6.55
C GLY A 190 -30.50 -24.88 5.46
N CYS A 191 -30.88 -24.32 4.30
CA CYS A 191 -31.23 -25.16 3.14
C CYS A 191 -30.13 -26.09 2.65
N ILE A 192 -28.90 -25.58 2.59
CA ILE A 192 -27.78 -26.38 2.15
C ILE A 192 -27.49 -27.48 3.16
N PHE A 193 -27.61 -27.10 4.43
CA PHE A 193 -27.44 -28.06 5.53
C PHE A 193 -28.43 -29.21 5.36
N ALA A 194 -29.70 -28.91 5.14
CA ALA A 194 -30.67 -29.99 4.92
C ALA A 194 -30.36 -30.81 3.65
N GLU A 195 -30.02 -30.13 2.56
CA GLU A 195 -29.66 -30.82 1.32
C GLU A 195 -28.49 -31.80 1.46
N MET A 196 -27.44 -31.44 2.18
CA MET A 196 -26.34 -32.37 2.44
C MET A 196 -26.82 -33.59 3.20
N VAL A 197 -27.77 -33.41 4.12
CA VAL A 197 -28.22 -34.50 4.96
C VAL A 197 -29.17 -35.42 4.17
N THR A 198 -30.16 -34.83 3.50
CA THR A 198 -31.15 -35.64 2.80
C THR A 198 -30.75 -36.08 1.39
N ARG A 199 -29.79 -35.39 0.78
CA ARG A 199 -29.40 -35.70 -0.61
C ARG A 199 -30.32 -35.02 -1.63
N ARG A 200 -31.20 -34.16 -1.16
CA ARG A 200 -32.18 -33.54 -2.02
C ARG A 200 -32.45 -32.10 -1.60
N ALA A 201 -32.79 -31.24 -2.56
CA ALA A 201 -33.11 -29.85 -2.25
C ALA A 201 -34.29 -29.81 -1.27
N LEU A 202 -34.16 -28.99 -0.22
CA LEU A 202 -35.19 -28.94 0.80
C LEU A 202 -36.50 -28.36 0.22
N PHE A 203 -36.41 -27.24 -0.51
CA PHE A 203 -37.60 -26.63 -1.12
C PHE A 203 -37.39 -26.36 -2.62
N PRO A 204 -37.63 -27.38 -3.46
CA PRO A 204 -37.49 -27.37 -4.92
C PRO A 204 -38.73 -26.79 -5.59
N GLY A 205 -38.89 -25.47 -5.58
CA GLY A 205 -40.11 -24.91 -6.19
C GLY A 205 -39.99 -24.51 -7.65
N ASP A 206 -41.14 -24.42 -8.30
CA ASP A 206 -41.22 -24.09 -9.71
C ASP A 206 -41.40 -22.62 -10.05
N SER A 207 -42.06 -21.86 -9.18
CA SER A 207 -42.36 -20.44 -9.43
C SER A 207 -42.24 -19.76 -8.10
N GLU A 208 -42.16 -18.43 -8.07
CA GLU A 208 -42.14 -17.74 -6.79
C GLU A 208 -43.27 -18.21 -5.89
N ILE A 209 -44.46 -18.32 -6.44
CA ILE A 209 -45.59 -18.83 -5.66
C ILE A 209 -45.43 -20.29 -5.22
N ASP A 210 -44.91 -21.18 -6.05
CA ASP A 210 -44.76 -22.56 -5.62
C ASP A 210 -43.64 -22.71 -4.59
N GLN A 211 -42.61 -21.87 -4.68
CA GLN A 211 -41.55 -21.86 -3.67
C GLN A 211 -42.15 -21.60 -2.27
N LEU A 212 -43.10 -20.66 -2.20
CA LEU A 212 -43.68 -20.27 -0.93
C LEU A 212 -44.50 -21.39 -0.39
N PHE A 213 -45.27 -22.05 -1.25
CA PHE A 213 -46.12 -23.07 -0.69
C PHE A 213 -45.35 -24.30 -0.26
N ARG A 214 -44.24 -24.60 -0.95
CA ARG A 214 -43.35 -25.69 -0.50
C ARG A 214 -42.69 -25.39 0.85
N ILE A 215 -42.40 -24.12 1.10
CA ILE A 215 -41.94 -23.73 2.43
C ILE A 215 -43.08 -23.85 3.46
N PHE A 216 -44.25 -23.30 3.14
CA PHE A 216 -45.40 -23.44 4.04
C PHE A 216 -45.85 -24.87 4.29
N ARG A 217 -45.71 -25.79 3.31
CA ARG A 217 -46.13 -27.18 3.59
C ARG A 217 -45.21 -27.84 4.58
N THR A 218 -43.91 -27.50 4.58
CA THR A 218 -42.98 -28.16 5.49
C THR A 218 -42.96 -27.48 6.84
N LEU A 219 -42.96 -26.16 6.86
CA LEU A 219 -42.86 -25.41 8.12
C LEU A 219 -44.21 -24.92 8.68
N GLY A 220 -45.25 -25.01 7.86
CA GLY A 220 -46.54 -24.49 8.28
C GLY A 220 -46.72 -23.03 7.97
N THR A 221 -47.94 -22.64 7.65
CA THR A 221 -48.17 -21.29 7.21
C THR A 221 -47.87 -20.37 8.36
N PRO A 222 -47.14 -19.27 8.11
CA PRO A 222 -46.83 -18.40 9.23
C PRO A 222 -48.00 -17.50 9.58
N ASP A 223 -48.07 -17.06 10.82
CA ASP A 223 -49.15 -16.17 11.19
C ASP A 223 -48.55 -15.11 12.09
N GLU A 224 -49.36 -14.15 12.52
CA GLU A 224 -48.84 -13.01 13.26
C GLU A 224 -48.23 -13.38 14.61
N VAL A 225 -48.51 -14.57 15.13
CA VAL A 225 -47.89 -15.01 16.40
C VAL A 225 -46.47 -15.47 16.17
N VAL A 226 -46.30 -16.42 15.27
CA VAL A 226 -44.97 -16.80 14.78
C VAL A 226 -44.16 -15.60 14.23
N TRP A 227 -44.76 -14.87 13.30
CA TRP A 227 -44.05 -13.84 12.54
C TRP A 227 -44.80 -12.52 12.68
N PRO A 228 -44.51 -11.76 13.74
CA PRO A 228 -45.20 -10.48 13.84
C PRO A 228 -44.94 -9.67 12.57
N GLY A 229 -45.99 -9.39 11.81
CA GLY A 229 -45.89 -8.55 10.60
C GLY A 229 -46.12 -9.27 9.27
N VAL A 230 -46.29 -10.58 9.27
CA VAL A 230 -46.36 -11.30 8.00
C VAL A 230 -47.50 -10.78 7.16
N THR A 231 -48.63 -10.52 7.82
CA THR A 231 -49.86 -10.22 7.12
C THR A 231 -49.83 -8.82 6.50
N SER A 232 -48.96 -7.97 7.03
CA SER A 232 -48.65 -6.64 6.52
C SER A 232 -47.71 -6.64 5.31
N MET A 233 -47.05 -7.77 5.07
CA MET A 233 -46.05 -7.90 3.98
C MET A 233 -46.69 -7.61 2.62
N PRO A 234 -45.93 -6.99 1.68
CA PRO A 234 -46.41 -6.65 0.33
C PRO A 234 -47.00 -7.80 -0.51
N ASP A 235 -46.37 -8.96 -0.52
CA ASP A 235 -46.85 -10.04 -1.40
C ASP A 235 -47.73 -11.06 -0.68
N TYR A 236 -48.08 -10.72 0.57
CA TYR A 236 -48.92 -11.58 1.42
C TYR A 236 -50.34 -11.59 0.90
N LYS A 237 -50.95 -12.77 0.81
CA LYS A 237 -52.36 -12.89 0.44
C LYS A 237 -53.15 -13.70 1.48
N PRO A 238 -54.21 -13.09 2.03
CA PRO A 238 -55.14 -13.82 2.91
C PRO A 238 -55.64 -15.18 2.39
N SER A 239 -55.77 -15.34 1.07
CA SER A 239 -56.20 -16.61 0.50
C SER A 239 -55.13 -17.72 0.51
N PHE A 240 -53.99 -17.47 1.17
CA PHE A 240 -52.96 -18.50 1.33
C PHE A 240 -53.53 -19.67 2.11
N PRO A 241 -53.42 -20.89 1.58
CA PRO A 241 -53.84 -22.06 2.34
C PRO A 241 -53.19 -22.08 3.72
N LYS A 242 -53.93 -22.56 4.71
CA LYS A 242 -53.44 -22.53 6.09
C LYS A 242 -52.98 -23.92 6.57
N TRP A 243 -51.82 -24.38 6.06
CA TRP A 243 -51.20 -25.68 6.41
C TRP A 243 -50.60 -25.68 7.82
N ALA A 244 -50.61 -26.82 8.49
CA ALA A 244 -50.11 -26.85 9.85
C ALA A 244 -48.71 -27.44 9.87
N ARG A 245 -47.84 -26.80 10.63
CA ARG A 245 -46.44 -27.16 10.74
C ARG A 245 -46.27 -28.66 10.73
N GLN A 246 -45.55 -29.19 9.77
CA GLN A 246 -45.28 -30.61 9.82
C GLN A 246 -44.04 -30.94 10.67
N ASP A 247 -44.02 -32.20 11.07
CA ASP A 247 -43.13 -32.76 12.09
C ASP A 247 -41.66 -32.80 11.67
N PHE A 248 -40.85 -32.06 12.41
CA PHE A 248 -39.48 -31.80 12.01
C PHE A 248 -38.58 -33.02 11.84
N SER A 249 -38.82 -34.05 12.62
CA SER A 249 -38.07 -35.30 12.51
C SER A 249 -38.36 -36.08 11.22
N LYS A 250 -39.47 -35.77 10.58
CA LYS A 250 -39.79 -36.42 9.30
C LYS A 250 -39.24 -35.65 8.09
N VAL A 251 -38.84 -34.39 8.32
CA VAL A 251 -38.17 -33.56 7.31
C VAL A 251 -36.70 -33.92 7.13
N VAL A 252 -35.99 -34.15 8.23
CA VAL A 252 -34.58 -34.55 8.22
C VAL A 252 -34.24 -35.79 9.08
N PRO A 253 -34.62 -37.00 8.61
CA PRO A 253 -34.51 -38.20 9.44
C PRO A 253 -33.15 -38.41 10.09
N PRO A 254 -32.04 -38.40 9.34
CA PRO A 254 -30.78 -38.93 9.87
C PRO A 254 -30.05 -38.05 10.91
N LEU A 255 -30.75 -37.08 11.50
CA LEU A 255 -30.14 -36.00 12.32
C LEU A 255 -30.60 -36.11 13.78
N ASP A 256 -29.66 -36.03 14.72
CA ASP A 256 -30.00 -36.07 16.14
C ASP A 256 -30.65 -34.78 16.65
N GLU A 257 -30.96 -34.73 17.94
CA GLU A 257 -31.76 -33.61 18.47
C GLU A 257 -31.03 -32.28 18.35
N ASP A 258 -29.71 -32.30 18.44
CA ASP A 258 -28.95 -31.06 18.29
C ASP A 258 -28.92 -30.56 16.84
N GLY A 259 -28.80 -31.47 15.88
CA GLY A 259 -28.99 -31.14 14.46
C GLY A 259 -30.29 -30.43 14.15
N ARG A 260 -31.40 -30.99 14.63
CA ARG A 260 -32.72 -30.46 14.32
C ARG A 260 -32.97 -29.19 15.12
N SER A 261 -32.41 -29.13 16.31
CA SER A 261 -32.49 -27.91 17.04
C SER A 261 -31.83 -26.74 16.27
N LEU A 262 -30.59 -26.95 15.80
CA LEU A 262 -29.90 -25.90 15.04
C LEU A 262 -30.64 -25.63 13.75
N LEU A 263 -30.89 -26.68 13.00
CA LEU A 263 -31.50 -26.46 11.69
C LEU A 263 -32.80 -25.70 11.80
N SER A 264 -33.61 -25.96 12.82
CA SER A 264 -34.87 -25.23 12.92
C SER A 264 -34.73 -23.76 13.31
N GLN A 265 -33.66 -23.44 14.02
CA GLN A 265 -33.38 -22.06 14.33
C GLN A 265 -32.83 -21.28 13.12
N MET A 266 -32.16 -21.99 12.21
CA MET A 266 -31.75 -21.37 10.95
C MET A 266 -32.91 -21.20 9.99
N LEU A 267 -34.01 -21.91 10.23
CA LEU A 267 -35.23 -21.74 9.42
C LEU A 267 -36.43 -21.05 10.12
N HIS A 268 -36.21 -20.41 11.27
CA HIS A 268 -37.22 -19.51 11.83
CA HIS A 268 -37.22 -19.51 11.83
C HIS A 268 -37.73 -18.58 10.72
N TYR A 269 -39.06 -18.45 10.60
CA TYR A 269 -39.69 -17.52 9.68
C TYR A 269 -39.25 -16.06 9.88
N ASP A 270 -39.21 -15.60 11.13
CA ASP A 270 -38.96 -14.19 11.45
C ASP A 270 -37.48 -13.82 11.40
N PRO A 271 -37.11 -12.87 10.53
CA PRO A 271 -35.68 -12.60 10.25
C PRO A 271 -34.99 -12.07 11.49
N ASN A 272 -35.75 -11.35 12.29
CA ASN A 272 -35.32 -10.93 13.63
C ASN A 272 -35.01 -12.02 14.65
N LYS A 273 -35.58 -13.23 14.52
CA LYS A 273 -35.29 -14.30 15.48
C LYS A 273 -34.45 -15.43 14.90
N ARG A 274 -34.29 -15.45 13.58
CA ARG A 274 -33.39 -16.44 12.99
C ARG A 274 -31.98 -16.36 13.63
N ILE A 275 -31.41 -17.47 14.02
CA ILE A 275 -30.14 -17.45 14.70
C ILE A 275 -29.05 -16.81 13.82
N SER A 276 -28.15 -16.05 14.40
CA SER A 276 -27.10 -15.44 13.59
C SER A 276 -26.02 -16.50 13.38
N ALA A 277 -25.07 -16.23 12.49
CA ALA A 277 -23.93 -17.13 12.29
C ALA A 277 -23.03 -17.20 13.51
N LYS A 278 -22.91 -16.08 14.24
CA LYS A 278 -22.09 -16.02 15.44
C LYS A 278 -22.72 -16.95 16.50
N ALA A 279 -24.04 -16.89 16.67
CA ALA A 279 -24.64 -17.68 17.73
C ALA A 279 -24.69 -19.17 17.33
N ALA A 280 -24.86 -19.45 16.04
CA ALA A 280 -24.85 -20.82 15.57
C ALA A 280 -23.52 -21.52 15.86
N LEU A 281 -22.40 -20.80 15.85
CA LEU A 281 -21.12 -21.47 16.15
C LEU A 281 -21.02 -21.98 17.62
N ALA A 282 -21.90 -21.49 18.48
CA ALA A 282 -21.88 -21.91 19.89
C ALA A 282 -22.87 -23.04 20.11
N HIS A 283 -23.56 -23.46 19.08
CA HIS A 283 -24.54 -24.51 19.26
C HIS A 283 -23.87 -25.84 19.67
N PRO A 284 -24.46 -26.51 20.67
CA PRO A 284 -24.01 -27.84 21.11
C PRO A 284 -23.75 -28.85 19.97
N PHE A 285 -24.51 -28.74 18.86
CA PHE A 285 -24.22 -29.56 17.67
C PHE A 285 -22.73 -29.56 17.26
N PHE A 286 -21.96 -28.51 17.56
CA PHE A 286 -20.56 -28.43 17.12
C PHE A 286 -19.57 -28.78 18.23
N GLN A 287 -20.08 -29.35 19.32
CA GLN A 287 -19.26 -29.68 20.47
CA GLN A 287 -19.30 -29.72 20.48
C GLN A 287 -18.27 -30.79 20.12
N ASP A 288 -18.64 -31.74 19.25
CA ASP A 288 -17.68 -32.79 18.89
C ASP A 288 -17.14 -32.68 17.46
N VAL A 289 -17.19 -31.49 16.88
CA VAL A 289 -16.75 -31.32 15.48
C VAL A 289 -15.26 -31.69 15.34
N THR A 290 -14.91 -32.33 14.23
CA THR A 290 -13.49 -32.51 13.90
C THR A 290 -13.27 -32.17 12.44
N LYS A 291 -12.14 -32.58 11.87
CA LYS A 291 -11.84 -32.20 10.50
C LYS A 291 -11.47 -33.37 9.58
N PRO A 292 -12.48 -34.14 9.13
CA PRO A 292 -12.23 -35.30 8.25
C PRO A 292 -11.96 -34.91 6.78
N VAL A 293 -11.35 -35.79 6.00
CA VAL A 293 -11.11 -35.50 4.57
C VAL A 293 -12.11 -36.19 3.64
N PRO A 294 -12.57 -35.49 2.58
CA PRO A 294 -13.55 -36.19 1.77
C PRO A 294 -12.89 -37.25 0.88
N HIS A 295 -13.64 -38.27 0.49
CA HIS A 295 -13.16 -39.13 -0.57
C HIS A 295 -13.81 -38.72 -1.90
N LEU A 296 -12.97 -38.50 -2.91
N PRO B 4 -29.00 -6.43 16.33
CA PRO B 4 -28.11 -7.26 15.51
C PRO B 4 -26.77 -7.58 16.23
N ASP B 5 -26.37 -8.87 16.27
CA ASP B 5 -25.15 -9.31 17.01
C ASP B 5 -23.84 -8.72 16.46
N TYR B 6 -23.92 -8.15 15.25
CA TYR B 6 -22.75 -7.68 14.49
C TYR B 6 -22.77 -6.16 14.39
N HIS B 7 -23.89 -5.57 14.84
CA HIS B 7 -24.10 -4.13 14.71
C HIS B 7 -22.98 -3.28 15.36
N GLU B 8 -22.44 -3.74 16.48
CA GLU B 8 -21.22 -3.16 17.09
C GLU B 8 -19.95 -3.44 16.29
N ASP B 9 -19.87 -4.63 15.66
CA ASP B 9 -18.65 -5.07 14.97
C ASP B 9 -18.49 -4.19 13.74
N ILE B 10 -19.58 -4.09 12.98
CA ILE B 10 -19.76 -3.15 11.87
C ILE B 10 -19.31 -1.73 12.20
N HIS B 11 -19.87 -1.15 13.27
CA HIS B 11 -19.42 0.18 13.69
C HIS B 11 -17.92 0.22 13.92
N THR B 12 -17.37 -0.73 14.67
CA THR B 12 -15.92 -0.75 14.89
C THR B 12 -15.19 -0.87 13.56
N TYR B 13 -15.74 -1.73 12.70
CA TYR B 13 -15.07 -2.01 11.43
C TYR B 13 -15.21 -0.82 10.49
N LEU B 14 -16.33 -0.10 10.58
CA LEU B 14 -16.48 1.08 9.76
C LEU B 14 -15.52 2.16 10.24
N ARG B 15 -15.24 2.19 11.54
CA ARG B 15 -14.33 3.18 12.06
C ARG B 15 -12.89 2.85 11.70
N GLU B 16 -12.60 1.57 11.51
CA GLU B 16 -11.28 1.17 11.02
C GLU B 16 -11.08 1.54 9.54
N MET B 17 -12.14 1.37 8.76
CA MET B 17 -12.09 1.60 7.32
C MET B 17 -12.09 3.08 6.94
N GLU B 18 -12.69 3.93 7.77
CA GLU B 18 -12.77 5.33 7.39
C GLU B 18 -11.39 5.99 7.39
N VAL B 19 -10.45 5.44 8.15
CA VAL B 19 -9.11 5.99 8.26
C VAL B 19 -8.25 5.59 7.06
N LYS B 20 -8.52 4.44 6.48
CA LYS B 20 -7.79 4.00 5.31
C LYS B 20 -8.33 4.64 4.03
N CYS B 21 -9.60 5.06 4.07
CA CYS B 21 -10.24 5.73 2.93
C CYS B 21 -10.13 7.26 2.94
N LYS B 22 -9.28 7.79 3.81
CA LYS B 22 -9.14 9.23 3.95
C LYS B 22 -8.32 9.74 2.77
N PRO B 23 -8.81 10.79 2.08
CA PRO B 23 -8.04 11.56 1.10
C PRO B 23 -6.93 12.31 1.81
N LYS B 24 -5.96 12.83 1.05
CA LYS B 24 -4.99 13.80 1.58
C LYS B 24 -5.64 15.08 2.09
N VAL B 25 -5.07 15.70 3.12
CA VAL B 25 -5.65 16.92 3.67
C VAL B 25 -5.59 18.07 2.68
N GLY B 26 -4.37 18.51 2.35
CA GLY B 26 -4.22 19.66 1.48
C GLY B 26 -3.82 19.26 0.07
N TYR B 27 -4.60 18.37 -0.55
CA TYR B 27 -4.29 17.90 -1.89
C TYR B 27 -4.54 19.00 -2.90
N MET B 28 -5.48 19.89 -2.61
CA MET B 28 -5.91 20.88 -3.59
C MET B 28 -4.82 21.88 -3.95
N LYS B 29 -3.87 22.05 -3.03
CA LYS B 29 -2.90 23.09 -3.22
C LYS B 29 -1.63 22.62 -3.89
N LYS B 30 -1.46 21.30 -4.02
CA LYS B 30 -0.45 20.73 -4.91
C LYS B 30 -1.08 20.33 -6.26
N GLN B 31 -2.31 20.80 -6.45
CA GLN B 31 -3.03 20.55 -7.69
C GLN B 31 -2.96 21.88 -8.49
N PRO B 32 -2.09 21.89 -9.52
CA PRO B 32 -1.64 23.15 -10.11
C PRO B 32 -2.68 23.81 -10.99
N ASP B 33 -3.68 23.08 -11.48
CA ASP B 33 -4.63 23.74 -12.36
C ASP B 33 -6.05 23.89 -11.82
N ILE B 34 -6.39 23.24 -10.71
CA ILE B 34 -7.78 23.26 -10.23
C ILE B 34 -7.89 23.71 -8.77
N THR B 35 -9.14 23.97 -8.33
CA THR B 35 -9.39 24.39 -6.95
C THR B 35 -10.68 23.94 -6.30
N ASN B 36 -10.76 24.26 -5.01
CA ASN B 36 -11.93 23.98 -4.18
C ASN B 36 -13.18 24.51 -4.82
N SER B 37 -13.08 25.73 -5.32
CA SER B 37 -14.24 26.34 -5.94
C SER B 37 -14.74 25.53 -7.14
N MET B 38 -13.84 25.04 -7.98
CA MET B 38 -14.27 24.11 -9.04
C MET B 38 -14.58 22.66 -8.56
N ARG B 39 -14.05 22.23 -7.43
CA ARG B 39 -14.51 20.97 -6.86
C ARG B 39 -15.97 21.12 -6.41
N ALA B 40 -16.29 22.30 -5.89
CA ALA B 40 -17.65 22.55 -5.43
C ALA B 40 -18.62 22.58 -6.59
N ILE B 41 -18.18 23.07 -7.74
CA ILE B 41 -19.10 23.07 -8.90
C ILE B 41 -19.34 21.64 -9.40
N LEU B 42 -18.30 20.82 -9.40
CA LEU B 42 -18.42 19.43 -9.79
C LEU B 42 -19.42 18.68 -8.89
N VAL B 43 -19.17 18.72 -7.58
CA VAL B 43 -20.01 17.98 -6.64
C VAL B 43 -21.47 18.43 -6.77
N ASP B 44 -21.67 19.76 -6.88
CA ASP B 44 -23.02 20.29 -7.05
C ASP B 44 -23.66 19.70 -8.28
N TRP B 45 -22.88 19.62 -9.35
CA TRP B 45 -23.35 19.00 -10.55
C TRP B 45 -23.73 17.55 -10.28
N LEU B 46 -22.95 16.84 -9.47
CA LEU B 46 -23.26 15.43 -9.20
C LEU B 46 -24.60 15.23 -8.51
N VAL B 47 -24.97 16.18 -7.64
CA VAL B 47 -26.27 16.15 -6.97
C VAL B 47 -27.40 16.23 -7.98
N GLU B 48 -27.26 17.06 -9.00
CA GLU B 48 -28.27 17.13 -10.03
C GLU B 48 -28.33 15.80 -10.78
N VAL B 49 -27.19 15.28 -11.18
CA VAL B 49 -27.21 14.01 -11.90
C VAL B 49 -27.91 12.92 -11.10
N GLY B 50 -27.68 12.86 -9.80
CA GLY B 50 -28.36 11.90 -8.95
C GLY B 50 -29.86 12.09 -8.93
N GLU B 51 -30.30 13.34 -8.82
CA GLU B 51 -31.73 13.66 -8.84
C GLU B 51 -32.35 13.30 -10.17
N GLU B 52 -31.67 13.70 -11.23
CA GLU B 52 -32.10 13.40 -12.59
C GLU B 52 -32.27 11.91 -12.85
N TYR B 53 -31.41 11.06 -12.28
CA TYR B 53 -31.53 9.61 -12.46
C TYR B 53 -32.09 8.85 -11.26
N LYS B 54 -32.61 9.57 -10.28
CA LYS B 54 -33.17 8.96 -9.09
C LYS B 54 -32.19 7.97 -8.47
N LEU B 55 -30.98 8.44 -8.22
CA LEU B 55 -30.01 7.61 -7.53
C LEU B 55 -30.14 7.79 -6.03
N GLN B 56 -29.73 6.77 -5.30
CA GLN B 56 -29.59 6.81 -3.86
C GLN B 56 -28.57 7.88 -3.46
N ASN B 57 -28.79 8.40 -2.26
CA ASN B 57 -27.87 9.33 -1.65
C ASN B 57 -26.49 8.72 -1.46
N GLU B 58 -26.44 7.41 -1.24
CA GLU B 58 -25.17 6.74 -0.97
C GLU B 58 -24.23 6.79 -2.18
N THR B 59 -24.81 6.57 -3.36
CA THR B 59 -24.07 6.61 -4.58
C THR B 59 -23.35 7.94 -4.71
N LEU B 60 -24.01 8.99 -4.24
CA LEU B 60 -23.45 10.34 -4.28
C LEU B 60 -22.28 10.48 -3.30
N HIS B 61 -22.46 10.03 -2.07
CA HIS B 61 -21.36 10.06 -1.12
C HIS B 61 -20.19 9.22 -1.62
N LEU B 62 -20.49 8.08 -2.21
CA LEU B 62 -19.41 7.22 -2.67
C LEU B 62 -18.58 7.93 -3.76
N ALA B 63 -19.28 8.50 -4.75
CA ALA B 63 -18.61 9.13 -5.89
C ALA B 63 -17.68 10.23 -5.40
N VAL B 64 -18.12 11.03 -4.42
CA VAL B 64 -17.31 12.13 -3.88
C VAL B 64 -16.05 11.59 -3.19
N ASN B 65 -16.20 10.51 -2.41
CA ASN B 65 -15.02 9.84 -1.87
C ASN B 65 -14.00 9.41 -2.97
N TYR B 66 -14.46 8.77 -4.04
CA TYR B 66 -13.57 8.34 -5.10
C TYR B 66 -12.81 9.50 -5.74
N ILE B 67 -13.54 10.57 -6.03
CA ILE B 67 -12.99 11.74 -6.70
C ILE B 67 -11.86 12.30 -5.85
N ASP B 68 -12.15 12.55 -4.58
CA ASP B 68 -11.11 13.11 -3.69
C ASP B 68 -9.90 12.20 -3.54
N ARG B 69 -10.12 10.91 -3.41
CA ARG B 69 -9.01 10.00 -3.35
C ARG B 69 -8.22 10.00 -4.66
N PHE B 70 -8.89 10.19 -5.80
CA PHE B 70 -8.22 10.16 -7.06
C PHE B 70 -7.40 11.44 -7.20
N LEU B 71 -8.01 12.59 -6.92
CA LEU B 71 -7.29 13.85 -7.01
C LEU B 71 -6.19 13.94 -5.97
N SER B 72 -6.17 13.01 -5.03
CA SER B 72 -5.08 13.00 -4.06
C SER B 72 -3.78 12.48 -4.62
N SER B 73 -3.80 11.76 -5.74
CA SER B 73 -2.52 11.40 -6.34
C SER B 73 -2.32 11.67 -7.82
N MET B 74 -3.30 12.29 -8.47
CA MET B 74 -3.18 12.57 -9.90
C MET B 74 -3.51 14.02 -10.20
N SER B 75 -2.62 14.71 -10.92
CA SER B 75 -2.93 16.04 -11.44
C SER B 75 -3.93 15.94 -12.55
N VAL B 76 -4.92 16.83 -12.53
CA VAL B 76 -6.02 16.81 -13.48
C VAL B 76 -6.29 18.23 -13.90
N LEU B 77 -6.35 18.45 -15.21
CA LEU B 77 -6.63 19.77 -15.78
C LEU B 77 -8.12 20.07 -15.64
N ARG B 78 -8.48 21.36 -15.64
CA ARG B 78 -9.91 21.73 -15.51
C ARG B 78 -10.79 21.12 -16.58
N GLY B 79 -10.24 20.87 -17.77
CA GLY B 79 -11.04 20.37 -18.86
C GLY B 79 -11.24 18.89 -18.74
N LYS B 80 -10.58 18.29 -17.75
CA LYS B 80 -10.75 16.85 -17.54
C LYS B 80 -11.40 16.54 -16.20
N LEU B 81 -11.55 17.55 -15.35
CA LEU B 81 -12.28 17.40 -14.06
C LEU B 81 -13.65 16.72 -14.12
N GLN B 82 -14.46 17.19 -15.05
CA GLN B 82 -15.77 16.60 -15.17
C GLN B 82 -15.70 15.11 -15.60
N LEU B 83 -14.61 14.73 -16.28
CA LEU B 83 -14.49 13.38 -16.79
C LEU B 83 -14.24 12.44 -15.59
N VAL B 84 -13.37 12.89 -14.66
CA VAL B 84 -13.08 12.14 -13.47
C VAL B 84 -14.37 11.99 -12.66
N GLY B 85 -15.15 13.07 -12.56
CA GLY B 85 -16.40 13.04 -11.81
C GLY B 85 -17.42 12.13 -12.46
N THR B 86 -17.45 12.13 -13.78
CA THR B 86 -18.49 11.38 -14.45
C THR B 86 -18.17 9.87 -14.40
N ALA B 87 -16.88 9.53 -14.55
CA ALA B 87 -16.37 8.15 -14.29
C ALA B 87 -16.61 7.68 -12.85
N ALA B 88 -16.43 8.57 -11.88
CA ALA B 88 -16.69 8.21 -10.48
C ALA B 88 -18.16 7.91 -10.23
N MET B 89 -19.05 8.68 -10.82
CA MET B 89 -20.47 8.47 -10.59
C MET B 89 -20.89 7.15 -11.23
N LEU B 90 -20.21 6.78 -12.32
CA LEU B 90 -20.49 5.47 -12.91
C LEU B 90 -20.07 4.30 -12.02
N LEU B 91 -18.89 4.39 -11.42
CA LEU B 91 -18.43 3.32 -10.54
C LEU B 91 -19.30 3.20 -9.29
N ALA B 92 -19.56 4.35 -8.67
CA ALA B 92 -20.45 4.40 -7.54
C ALA B 92 -21.80 3.73 -7.86
N SER B 93 -22.41 4.08 -9.00
CA SER B 93 -23.68 3.48 -9.37
C SER B 93 -23.56 1.97 -9.55
N LYS B 94 -22.52 1.53 -10.27
CA LYS B 94 -22.21 0.08 -10.38
C LYS B 94 -22.06 -0.61 -9.01
N PHE B 95 -21.43 0.07 -8.06
CA PHE B 95 -21.23 -0.53 -6.74
C PHE B 95 -22.55 -0.57 -5.93
N GLU B 96 -23.29 0.54 -5.88
CA GLU B 96 -24.44 0.66 -4.98
C GLU B 96 -25.85 0.47 -5.56
N GLU B 97 -26.04 0.81 -6.84
CA GLU B 97 -27.37 0.77 -7.44
C GLU B 97 -27.79 -0.61 -7.85
N ILE B 98 -29.09 -0.86 -7.79
CA ILE B 98 -29.56 -2.16 -8.19
C ILE B 98 -29.33 -2.31 -9.68
N TYR B 99 -29.88 -1.40 -10.48
CA TYR B 99 -29.48 -1.30 -11.90
C TYR B 99 -28.92 0.09 -12.18
N PRO B 100 -27.65 0.17 -12.56
CA PRO B 100 -27.05 1.46 -12.91
C PRO B 100 -27.52 2.03 -14.26
N PRO B 101 -27.48 3.35 -14.43
CA PRO B 101 -27.68 3.98 -15.75
C PRO B 101 -26.60 3.55 -16.75
N GLU B 102 -26.91 3.48 -18.04
CA GLU B 102 -25.98 3.02 -19.06
C GLU B 102 -24.90 4.07 -19.20
N VAL B 103 -23.76 3.68 -19.79
CA VAL B 103 -22.67 4.62 -20.03
C VAL B 103 -23.13 5.74 -20.94
N ALA B 104 -23.89 5.38 -21.97
CA ALA B 104 -24.53 6.36 -22.86
C ALA B 104 -25.20 7.50 -22.10
N GLU B 105 -25.93 7.19 -21.03
CA GLU B 105 -26.61 8.22 -20.23
C GLU B 105 -25.64 9.10 -19.49
N PHE B 106 -24.55 8.50 -19.04
CA PHE B 106 -23.51 9.28 -18.43
C PHE B 106 -22.84 10.20 -19.46
N VAL B 107 -22.71 9.71 -20.70
CA VAL B 107 -22.13 10.51 -21.80
C VAL B 107 -23.10 11.64 -22.15
N TYR B 108 -24.38 11.29 -22.24
CA TYR B 108 -25.47 12.25 -22.44
C TYR B 108 -25.53 13.45 -21.50
N ILE B 109 -25.43 13.25 -20.17
CA ILE B 109 -25.45 14.37 -19.22
C ILE B 109 -24.29 15.33 -19.36
N THR B 110 -23.21 14.94 -20.02
CA THR B 110 -22.11 15.89 -20.21
C THR B 110 -22.32 16.79 -21.42
N ASP B 111 -23.31 16.47 -22.25
CA ASP B 111 -23.49 17.15 -23.54
C ASP B 111 -22.43 16.76 -24.57
N ASP B 112 -22.20 15.45 -24.70
CA ASP B 112 -21.08 14.92 -25.50
C ASP B 112 -19.82 15.75 -25.31
N THR B 113 -19.53 16.17 -24.09
CA THR B 113 -18.26 16.83 -23.91
C THR B 113 -17.09 15.84 -23.85
N TYR B 114 -17.40 14.57 -23.65
CA TYR B 114 -16.42 13.50 -23.78
C TYR B 114 -17.10 12.35 -24.52
N THR B 115 -16.32 11.39 -25.01
CA THR B 115 -16.86 10.28 -25.78
C THR B 115 -17.03 9.08 -24.87
N LYS B 116 -17.77 8.08 -25.34
CA LYS B 116 -18.07 6.92 -24.51
C LYS B 116 -16.80 6.18 -24.10
N LYS B 117 -15.85 6.12 -25.03
CA LYS B 117 -14.61 5.43 -24.82
C LYS B 117 -13.80 6.15 -23.80
N GLN B 118 -13.82 7.48 -23.86
CA GLN B 118 -13.11 8.32 -22.90
C GLN B 118 -13.60 8.05 -21.46
N VAL B 119 -14.91 7.87 -21.32
CA VAL B 119 -15.48 7.50 -20.03
C VAL B 119 -15.00 6.10 -19.57
N LEU B 120 -15.02 5.18 -20.52
CA LEU B 120 -14.62 3.81 -20.20
C LEU B 120 -13.16 3.69 -19.83
N ARG B 121 -12.30 4.45 -20.51
CA ARG B 121 -10.90 4.52 -20.11
C ARG B 121 -10.67 5.24 -18.78
N MET B 122 -11.45 6.27 -18.49
CA MET B 122 -11.38 6.89 -17.17
C MET B 122 -11.80 5.94 -16.06
N GLU B 123 -12.90 5.23 -16.24
CA GLU B 123 -13.34 4.22 -15.28
C GLU B 123 -12.19 3.28 -14.93
N HIS B 124 -11.51 2.81 -15.98
CA HIS B 124 -10.36 1.92 -15.85
C HIS B 124 -9.23 2.62 -15.09
N LEU B 125 -8.89 3.85 -15.48
CA LEU B 125 -7.90 4.64 -14.72
C LEU B 125 -8.28 4.83 -13.25
N VAL B 126 -9.52 5.25 -12.97
CA VAL B 126 -9.94 5.42 -11.57
C VAL B 126 -9.77 4.12 -10.81
N LEU B 127 -10.16 2.99 -11.41
CA LEU B 127 -10.00 1.70 -10.76
C LEU B 127 -8.54 1.35 -10.43
N LYS B 128 -7.59 1.68 -11.30
CA LYS B 128 -6.18 1.45 -10.98
C LYS B 128 -5.73 2.28 -9.80
N VAL B 129 -6.01 3.57 -9.86
CA VAL B 129 -5.55 4.47 -8.83
C VAL B 129 -6.15 4.14 -7.46
N LEU B 130 -7.42 3.80 -7.39
CA LEU B 130 -7.98 3.41 -6.09
C LEU B 130 -7.71 1.94 -5.76
N THR B 131 -6.96 1.22 -6.59
CA THR B 131 -6.73 -0.23 -6.42
C THR B 131 -8.00 -1.02 -6.04
N PHE B 132 -9.11 -0.68 -6.66
CA PHE B 132 -10.37 -1.37 -6.46
C PHE B 132 -11.00 -1.21 -5.08
N ASP B 133 -10.51 -0.27 -4.27
CA ASP B 133 -11.05 -0.10 -2.93
C ASP B 133 -12.27 0.81 -2.86
N LEU B 134 -13.43 0.21 -3.11
CA LEU B 134 -14.60 0.98 -3.45
C LEU B 134 -15.59 1.07 -2.30
N ALA B 135 -15.35 0.25 -1.27
CA ALA B 135 -16.32 0.02 -0.22
C ALA B 135 -15.94 1.02 0.88
N ALA B 136 -16.10 2.31 0.60
CA ALA B 136 -15.70 3.34 1.56
C ALA B 136 -16.80 3.77 2.53
N PRO B 137 -16.46 3.94 3.81
CA PRO B 137 -17.53 4.44 4.69
C PRO B 137 -17.85 5.89 4.34
N THR B 138 -19.09 6.31 4.58
CA THR B 138 -19.57 7.64 4.19
C THR B 138 -20.34 8.24 5.37
N VAL B 139 -20.50 9.56 5.36
CA VAL B 139 -21.28 10.25 6.36
C VAL B 139 -22.69 9.64 6.43
N ASN B 140 -23.27 9.41 5.25
CA ASN B 140 -24.55 8.71 5.08
C ASN B 140 -24.64 7.37 5.83
N GLN B 141 -23.56 6.62 5.83
CA GLN B 141 -23.52 5.34 6.54
C GLN B 141 -23.57 5.51 8.04
N PHE B 142 -22.77 6.43 8.59
CA PHE B 142 -22.78 6.60 10.06
C PHE B 142 -24.10 7.18 10.53
N LEU B 143 -24.62 8.15 9.79
CA LEU B 143 -25.93 8.67 10.12
C LEU B 143 -26.98 7.54 10.30
N THR B 144 -27.11 6.66 9.30
CA THR B 144 -27.92 5.44 9.40
C THR B 144 -27.67 4.65 10.70
N GLN B 145 -26.42 4.41 11.06
CA GLN B 145 -26.14 3.76 12.33
C GLN B 145 -26.59 4.61 13.54
N TYR B 146 -26.27 5.90 13.54
CA TYR B 146 -26.72 6.77 14.62
C TYR B 146 -28.25 6.81 14.77
N PHE B 147 -29.00 6.70 13.69
CA PHE B 147 -30.44 6.91 13.77
C PHE B 147 -31.10 5.87 14.63
N LEU B 148 -30.55 4.68 14.65
CA LEU B 148 -31.07 3.65 15.53
C LEU B 148 -31.00 3.99 17.04
N HIS B 149 -30.44 5.14 17.41
CA HIS B 149 -30.36 5.52 18.83
C HIS B 149 -31.15 6.81 19.12
N GLN B 150 -32.37 6.86 18.59
CA GLN B 150 -33.19 8.02 18.81
C GLN B 150 -34.51 7.59 19.40
N GLN B 151 -34.97 8.35 20.42
CA GLN B 151 -36.32 8.15 20.99
C GLN B 151 -37.13 9.43 21.27
N PRO B 152 -38.26 9.57 20.57
CA PRO B 152 -38.64 8.54 19.56
C PRO B 152 -37.97 8.79 18.19
N ALA B 153 -38.29 7.97 17.19
CA ALA B 153 -37.84 8.27 15.83
C ALA B 153 -38.53 9.55 15.30
N ASN B 154 -37.71 10.52 14.89
CA ASN B 154 -38.20 11.84 14.48
C ASN B 154 -37.64 12.13 13.08
N CYS B 155 -38.48 12.02 12.05
CA CYS B 155 -37.92 11.99 10.71
C CYS B 155 -37.56 13.36 10.12
N LYS B 156 -37.94 14.43 10.81
CA LYS B 156 -37.48 15.76 10.45
C LYS B 156 -36.01 15.90 10.85
N VAL B 157 -35.64 15.19 11.92
CA VAL B 157 -34.29 15.22 12.41
C VAL B 157 -33.45 14.37 11.47
N GLU B 158 -34.00 13.24 11.03
CA GLU B 158 -33.31 12.36 10.06
C GLU B 158 -33.02 13.08 8.73
N SER B 159 -34.05 13.71 8.18
CA SER B 159 -33.93 14.44 6.92
C SER B 159 -32.95 15.57 7.04
N LEU B 160 -32.99 16.25 8.17
CA LEU B 160 -32.22 17.45 8.29
C LEU B 160 -30.77 17.08 8.56
N ALA B 161 -30.53 15.98 9.27
CA ALA B 161 -29.17 15.54 9.49
C ALA B 161 -28.54 15.08 8.17
N MET B 162 -29.35 14.49 7.28
CA MET B 162 -28.91 14.04 5.95
C MET B 162 -28.50 15.27 5.16
N PHE B 163 -29.44 16.22 5.16
CA PHE B 163 -29.26 17.50 4.50
C PHE B 163 -27.96 18.17 4.89
N LEU B 164 -27.68 18.26 6.18
CA LEU B 164 -26.44 18.89 6.57
C LEU B 164 -25.21 18.09 6.13
N GLY B 165 -25.28 16.76 6.21
CA GLY B 165 -24.20 15.93 5.75
C GLY B 165 -23.92 16.05 4.26
N GLU B 166 -24.96 16.21 3.45
CA GLU B 166 -24.77 16.50 2.01
C GLU B 166 -24.09 17.83 1.74
N LEU B 167 -24.47 18.88 2.49
CA LEU B 167 -23.81 20.18 2.34
C LEU B 167 -22.32 20.08 2.52
N SER B 168 -21.86 19.17 3.35
CA SER B 168 -20.46 19.13 3.70
C SER B 168 -19.62 18.54 2.55
N LEU B 169 -20.27 17.79 1.66
CA LEU B 169 -19.65 17.27 0.43
C LEU B 169 -19.12 18.40 -0.46
N ILE B 170 -19.87 19.50 -0.50
CA ILE B 170 -19.57 20.62 -1.40
C ILE B 170 -18.23 21.33 -1.10
N ASP B 171 -17.90 21.55 0.16
CA ASP B 171 -16.71 22.32 0.51
C ASP B 171 -15.59 21.52 1.14
N ALA B 172 -14.52 21.36 0.37
CA ALA B 172 -13.36 20.60 0.77
C ALA B 172 -12.65 21.33 1.91
N ASP B 173 -12.56 22.65 1.85
CA ASP B 173 -12.16 23.40 3.05
C ASP B 173 -13.44 23.92 3.68
N PRO B 174 -13.75 23.52 4.93
CA PRO B 174 -12.96 22.76 5.92
C PRO B 174 -13.20 21.25 5.96
N TYR B 175 -14.23 20.73 5.28
CA TYR B 175 -14.73 19.37 5.64
C TYR B 175 -13.79 18.19 5.34
N LEU B 176 -12.83 18.41 4.45
CA LEU B 176 -11.79 17.43 4.22
C LEU B 176 -10.97 17.05 5.44
N LYS B 177 -10.93 17.87 6.49
CA LYS B 177 -10.12 17.47 7.67
C LYS B 177 -10.87 16.78 8.82
N TYR B 178 -12.12 16.40 8.58
CA TYR B 178 -12.88 15.61 9.53
C TYR B 178 -13.15 14.22 8.98
N LEU B 179 -13.15 13.19 9.83
CA LEU B 179 -13.65 11.88 9.39
C LEU B 179 -15.16 11.91 9.22
N PRO B 180 -15.68 11.07 8.33
CA PRO B 180 -17.12 10.97 8.15
C PRO B 180 -17.91 10.64 9.42
N SER B 181 -17.29 9.98 10.40
CA SER B 181 -18.01 9.64 11.64
C SER B 181 -18.23 10.89 12.49
N VAL B 182 -17.25 11.79 12.43
CA VAL B 182 -17.31 13.10 13.08
C VAL B 182 -18.28 14.06 12.40
N ILE B 183 -18.24 14.15 11.08
CA ILE B 183 -19.19 15.02 10.40
C ILE B 183 -20.61 14.55 10.64
N ALA B 184 -20.80 13.24 10.64
CA ALA B 184 -22.12 12.65 10.89
C ALA B 184 -22.61 12.92 12.33
N GLY B 185 -21.71 12.79 13.31
CA GLY B 185 -22.02 13.20 14.68
C GLY B 185 -22.47 14.64 14.79
N ALA B 186 -21.64 15.54 14.22
CA ALA B 186 -21.94 16.96 14.17
C ALA B 186 -23.26 17.23 13.48
N ALA B 187 -23.60 16.45 12.47
CA ALA B 187 -24.82 16.77 11.74
C ALA B 187 -26.04 16.34 12.52
N PHE B 188 -25.86 15.32 13.36
CA PHE B 188 -26.99 14.71 14.04
C PHE B 188 -27.34 15.61 15.22
N HIS B 189 -26.31 15.96 16.00
CA HIS B 189 -26.48 16.95 17.04
C HIS B 189 -27.17 18.22 16.57
N LEU B 190 -26.60 18.87 15.57
CA LEU B 190 -27.19 20.04 14.94
C LEU B 190 -28.62 19.89 14.45
N ALA B 191 -28.94 18.77 13.82
CA ALA B 191 -30.31 18.58 13.36
C ALA B 191 -31.24 18.37 14.56
N LEU B 192 -30.77 17.64 15.56
CA LEU B 192 -31.56 17.31 16.73
C LEU B 192 -31.82 18.60 17.53
N TYR B 193 -30.72 19.30 17.82
CA TYR B 193 -30.75 20.60 18.46
C TYR B 193 -31.71 21.59 17.81
N THR B 194 -31.75 21.62 16.48
CA THR B 194 -32.57 22.55 15.72
C THR B 194 -34.07 22.29 15.76
N VAL B 195 -34.47 21.02 15.71
CA VAL B 195 -35.90 20.70 15.68
C VAL B 195 -36.52 20.67 17.08
N THR B 196 -35.75 20.29 18.08
CA THR B 196 -36.33 19.91 19.35
C THR B 196 -35.64 20.57 20.55
N GLY B 197 -34.44 21.10 20.33
CA GLY B 197 -33.67 21.70 21.42
C GLY B 197 -32.89 20.66 22.20
N GLN B 198 -33.00 19.41 21.75
CA GLN B 198 -32.30 18.27 22.34
C GLN B 198 -30.80 18.26 22.04
N SER B 199 -30.10 17.31 22.65
CA SER B 199 -28.65 17.22 22.56
C SER B 199 -28.14 15.80 22.18
N TRP B 200 -26.99 15.75 21.49
CA TRP B 200 -26.19 14.54 21.30
C TRP B 200 -26.37 13.54 22.45
N PRO B 201 -27.22 12.50 22.26
CA PRO B 201 -27.60 11.55 23.33
C PRO B 201 -26.47 10.79 24.00
N GLU B 202 -26.73 10.33 25.24
CA GLU B 202 -25.72 9.60 26.02
C GLU B 202 -25.39 8.27 25.35
N SER B 203 -26.44 7.61 24.87
CA SER B 203 -26.32 6.35 24.11
C SER B 203 -25.22 6.41 23.03
N LEU B 204 -25.15 7.55 22.34
CA LEU B 204 -24.20 7.76 21.24
C LEU B 204 -22.83 8.15 21.73
N ILE B 205 -22.75 8.87 22.85
CA ILE B 205 -21.43 9.11 23.44
C ILE B 205 -20.76 7.80 23.82
N ARG B 206 -21.53 6.93 24.47
CA ARG B 206 -21.12 5.59 24.83
C ARG B 206 -20.73 4.78 23.59
N LYS B 207 -21.57 4.85 22.55
CA LYS B 207 -21.32 4.11 21.31
C LYS B 207 -20.07 4.58 20.56
N THR B 208 -19.94 5.90 20.38
CA THR B 208 -18.87 6.45 19.49
C THR B 208 -17.61 6.83 20.25
N GLY B 209 -17.77 7.05 21.56
CA GLY B 209 -16.74 7.66 22.41
C GLY B 209 -16.47 9.09 21.99
N TYR B 210 -17.51 9.77 21.52
CA TYR B 210 -17.41 11.18 21.07
C TYR B 210 -18.26 12.10 21.97
N THR B 211 -17.60 12.89 22.83
CA THR B 211 -18.30 13.90 23.66
C THR B 211 -18.79 15.02 22.77
N LEU B 212 -19.88 15.66 23.18
CA LEU B 212 -20.30 16.90 22.52
C LEU B 212 -19.09 17.83 22.34
N GLU B 213 -18.12 17.71 23.24
CA GLU B 213 -16.96 18.59 23.29
C GLU B 213 -15.97 18.28 22.16
N SER B 214 -15.77 17.01 21.87
CA SER B 214 -14.90 16.66 20.75
C SER B 214 -15.55 16.89 19.39
N LEU B 215 -16.86 17.11 19.33
CA LEU B 215 -17.53 17.51 18.08
C LEU B 215 -17.41 19.01 17.78
N LYS B 216 -16.93 19.78 18.75
CA LYS B 216 -17.13 21.24 18.75
C LYS B 216 -16.49 21.90 17.50
N PRO B 217 -15.22 21.60 17.21
CA PRO B 217 -14.64 22.21 16.02
C PRO B 217 -15.46 21.97 14.74
N CYS B 218 -16.04 20.78 14.57
CA CYS B 218 -16.74 20.47 13.32
C CYS B 218 -18.16 21.00 13.31
N LEU B 219 -18.78 20.93 14.48
CA LEU B 219 -20.08 21.54 14.74
C LEU B 219 -20.05 23.07 14.55
N MET B 220 -18.94 23.71 14.89
CA MET B 220 -18.86 25.13 14.60
C MET B 220 -18.92 25.43 13.11
N ASP B 221 -18.19 24.64 12.32
CA ASP B 221 -18.11 24.86 10.88
C ASP B 221 -19.43 24.63 10.21
N LEU B 222 -20.09 23.55 10.64
CA LEU B 222 -21.36 23.18 10.07
C LEU B 222 -22.47 24.18 10.40
N HIS B 223 -22.36 24.84 11.56
CA HIS B 223 -23.27 25.94 11.91
C HIS B 223 -23.13 27.11 10.95
N GLN B 224 -21.90 27.59 10.77
CA GLN B 224 -21.56 28.55 9.70
C GLN B 224 -22.14 28.16 8.35
N THR B 225 -21.77 26.97 7.85
CA THR B 225 -22.33 26.46 6.60
C THR B 225 -23.86 26.54 6.59
N TYR B 226 -24.50 26.07 7.66
CA TYR B 226 -25.96 26.02 7.69
C TYR B 226 -26.53 27.44 7.58
N LEU B 227 -25.94 28.36 8.35
CA LEU B 227 -26.36 29.76 8.36
C LEU B 227 -26.17 30.42 6.99
N LYS B 228 -25.03 30.15 6.36
CA LYS B 228 -24.74 30.75 5.06
C LYS B 228 -25.42 30.04 3.91
N ALA B 229 -26.09 28.92 4.17
CA ALA B 229 -26.58 28.09 3.08
C ALA B 229 -27.44 28.82 2.04
N PRO B 230 -28.34 29.71 2.46
CA PRO B 230 -29.07 30.33 1.34
C PRO B 230 -28.21 31.23 0.43
N GLN B 231 -27.03 31.64 0.89
CA GLN B 231 -26.12 32.55 0.16
C GLN B 231 -25.11 31.85 -0.77
N HIS B 232 -24.99 30.53 -0.67
CA HIS B 232 -23.89 29.83 -1.32
C HIS B 232 -24.06 29.79 -2.84
N ALA B 233 -22.92 29.94 -3.50
CA ALA B 233 -22.88 29.83 -4.95
C ALA B 233 -23.63 28.59 -5.50
N GLN B 234 -23.51 27.49 -4.78
CA GLN B 234 -24.13 26.21 -5.17
C GLN B 234 -25.41 25.94 -4.40
N GLN B 235 -26.45 25.47 -5.09
CA GLN B 235 -27.79 25.51 -4.50
C GLN B 235 -28.57 24.22 -4.81
N SER B 236 -27.90 23.30 -5.51
CA SER B 236 -28.51 22.02 -5.88
C SER B 236 -29.07 21.27 -4.70
N ILE B 237 -28.32 21.24 -3.59
CA ILE B 237 -28.76 20.50 -2.43
C ILE B 237 -30.00 21.13 -1.77
N ARG B 238 -29.98 22.43 -1.49
CA ARG B 238 -31.18 23.08 -0.98
C ARG B 238 -32.38 22.82 -1.88
N GLU B 239 -32.16 22.83 -3.19
CA GLU B 239 -33.24 22.59 -4.14
C GLU B 239 -33.85 21.23 -3.85
N LYS B 240 -32.96 20.26 -3.62
CA LYS B 240 -33.33 18.88 -3.43
C LYS B 240 -34.17 18.70 -2.17
N TYR B 241 -33.76 19.34 -1.08
CA TYR B 241 -34.34 19.08 0.23
C TYR B 241 -35.56 19.95 0.53
N LYS B 242 -36.11 20.59 -0.51
CA LYS B 242 -37.36 21.32 -0.40
C LYS B 242 -38.49 20.36 -0.65
N ASN B 243 -38.18 19.24 -1.30
CA ASN B 243 -39.17 18.24 -1.62
C ASN B 243 -39.88 17.77 -0.35
N SER B 244 -41.16 17.43 -0.49
CA SER B 244 -41.93 16.94 0.64
C SER B 244 -41.41 15.57 1.04
N LYS B 245 -40.62 14.98 0.16
CA LYS B 245 -40.01 13.68 0.43
C LYS B 245 -39.05 13.82 1.58
N TYR B 246 -38.51 15.02 1.78
CA TYR B 246 -37.61 15.27 2.91
C TYR B 246 -38.27 16.17 3.95
N HIS B 247 -39.60 16.15 3.97
CA HIS B 247 -40.36 16.95 4.93
C HIS B 247 -39.98 18.43 4.87
N GLY B 248 -39.36 18.84 3.76
CA GLY B 248 -39.02 20.25 3.50
C GLY B 248 -37.95 20.87 4.40
N VAL B 249 -37.13 20.03 5.03
CA VAL B 249 -36.16 20.51 6.01
C VAL B 249 -35.25 21.66 5.54
N SER B 250 -35.08 21.81 4.23
CA SER B 250 -34.22 22.85 3.65
C SER B 250 -34.76 24.24 3.95
N LEU B 251 -36.07 24.28 4.24
CA LEU B 251 -36.81 25.51 4.52
C LEU B 251 -36.77 25.94 5.99
N LEU B 252 -36.50 25.02 6.90
CA LEU B 252 -36.43 25.29 8.35
C LEU B 252 -35.32 26.29 8.70
N ASN B 253 -35.56 27.08 9.75
CA ASN B 253 -34.66 28.17 10.11
CA ASN B 253 -34.69 28.17 10.14
C ASN B 253 -33.56 27.70 11.07
N PRO B 254 -32.28 27.84 10.65
CA PRO B 254 -31.21 27.45 11.57
C PRO B 254 -31.28 28.23 12.87
N PRO B 255 -30.83 27.64 13.98
CA PRO B 255 -30.92 28.41 15.23
C PRO B 255 -29.74 29.37 15.26
N GLU B 256 -29.86 30.48 15.99
CA GLU B 256 -28.83 31.51 15.85
C GLU B 256 -27.65 31.31 16.76
N THR B 257 -27.75 30.37 17.67
CA THR B 257 -26.62 30.05 18.54
C THR B 257 -26.69 28.57 18.94
N LEU B 258 -25.52 28.00 19.25
CA LEU B 258 -25.42 26.58 19.54
C LEU B 258 -25.57 26.28 21.01
N ASN B 259 -25.29 27.28 21.85
CA ASN B 259 -25.52 27.15 23.29
C ASN B 259 -24.47 26.25 23.96
N LEU B 260 -23.25 26.25 23.41
CA LEU B 260 -22.19 25.38 23.91
C LEU B 260 -21.53 25.88 25.19
N MET C 1 0.23 2.38 -20.44
CA MET C 1 0.87 3.22 -21.50
C MET C 1 -0.05 3.76 -22.57
N GLU C 2 -1.13 3.04 -22.81
CA GLU C 2 -2.12 3.45 -23.77
C GLU C 2 -2.73 4.82 -23.45
N ASN C 3 -2.62 5.31 -22.22
CA ASN C 3 -3.16 6.63 -21.86
C ASN C 3 -2.22 7.81 -22.10
N PHE C 4 -1.00 7.53 -22.55
CA PHE C 4 -0.03 8.60 -22.71
C PHE C 4 0.21 8.91 -24.15
N GLN C 5 0.30 10.19 -24.46
CA GLN C 5 0.66 10.59 -25.81
C GLN C 5 1.98 11.36 -25.88
N LYS C 6 2.89 10.88 -26.74
CA LYS C 6 4.22 11.47 -26.86
C LYS C 6 4.13 12.82 -27.53
N VAL C 7 4.64 13.86 -26.90
CA VAL C 7 4.59 15.21 -27.48
C VAL C 7 5.88 15.53 -28.25
N GLU C 8 7.02 15.37 -27.58
CA GLU C 8 8.31 15.57 -28.19
C GLU C 8 9.47 15.03 -27.36
N LYS C 9 10.55 14.73 -28.08
CA LYS C 9 11.84 14.36 -27.51
C LYS C 9 12.38 15.50 -26.63
N ILE C 10 12.69 15.26 -25.36
CA ILE C 10 13.29 16.35 -24.59
C ILE C 10 14.73 16.13 -24.26
N GLY C 11 15.34 15.17 -24.92
CA GLY C 11 16.78 14.99 -24.83
C GLY C 11 17.13 13.58 -24.44
N GLU C 12 18.42 13.37 -24.22
CA GLU C 12 19.03 12.06 -24.02
C GLU C 12 19.46 11.93 -22.55
N GLY C 13 19.40 10.72 -21.99
CA GLY C 13 19.70 10.53 -20.56
C GLY C 13 20.26 9.17 -20.18
N THR C 14 20.17 8.84 -18.89
CA THR C 14 20.72 7.62 -18.29
C THR C 14 20.14 6.35 -18.90
N TYR C 15 18.85 6.38 -19.18
CA TYR C 15 18.14 5.24 -19.75
C TYR C 15 17.83 5.43 -21.21
N GLY C 16 18.47 6.39 -21.86
CA GLY C 16 18.18 6.69 -23.26
C GLY C 16 17.31 7.92 -23.47
N VAL C 17 16.48 7.91 -24.52
CA VAL C 17 15.75 9.12 -24.86
C VAL C 17 14.54 9.35 -23.96
N VAL C 18 14.30 10.63 -23.67
CA VAL C 18 13.32 11.05 -22.68
C VAL C 18 12.24 11.80 -23.42
N TYR C 19 10.98 11.44 -23.23
CA TYR C 19 9.91 12.15 -23.88
C TYR C 19 9.04 12.92 -22.91
N LYS C 20 8.63 14.11 -23.36
CA LYS C 20 7.49 14.81 -22.83
C LYS C 20 6.22 14.14 -23.41
N ALA C 21 5.23 13.88 -22.56
CA ALA C 21 4.06 13.17 -22.99
C ALA C 21 2.92 13.70 -22.16
N ARG C 22 1.69 13.46 -22.58
CA ARG C 22 0.60 13.82 -21.70
C ARG C 22 -0.47 12.80 -21.54
N ASN C 23 -0.94 12.69 -20.30
CA ASN C 23 -2.05 11.84 -19.98
C ASN C 23 -3.28 12.29 -20.74
N LYS C 24 -3.81 11.43 -21.59
CA LYS C 24 -5.01 11.75 -22.35
C LYS C 24 -6.29 11.75 -21.55
N LEU C 25 -6.26 11.19 -20.34
CA LEU C 25 -7.44 11.20 -19.51
C LEU C 25 -7.50 12.37 -18.51
N THR C 26 -6.36 12.80 -18.00
CA THR C 26 -6.35 13.76 -16.93
C THR C 26 -5.76 15.03 -17.45
N GLY C 27 -5.00 14.90 -18.52
CA GLY C 27 -4.34 16.04 -19.13
C GLY C 27 -2.97 16.34 -18.52
N GLU C 28 -2.51 15.50 -17.60
CA GLU C 28 -1.26 15.78 -16.91
C GLU C 28 -0.03 15.64 -17.83
N VAL C 29 0.95 16.53 -17.69
CA VAL C 29 2.15 16.49 -18.49
C VAL C 29 3.27 15.81 -17.71
N VAL C 30 4.14 15.10 -18.43
CA VAL C 30 4.90 14.05 -17.83
C VAL C 30 6.17 13.80 -18.64
N ALA C 31 7.25 13.40 -17.97
CA ALA C 31 8.49 12.97 -18.64
C ALA C 31 8.65 11.43 -18.63
N LEU C 32 8.53 10.78 -19.78
CA LEU C 32 8.65 9.31 -19.90
C LEU C 32 10.10 8.90 -20.06
N LYS C 33 10.63 8.08 -19.15
CA LYS C 33 11.93 7.46 -19.39
C LYS C 33 11.73 6.00 -19.74
N LYS C 34 12.40 5.51 -20.78
CA LYS C 34 12.12 4.20 -21.36
C LYS C 34 13.32 3.28 -21.27
N ILE C 35 13.19 2.23 -20.47
CA ILE C 35 14.20 1.18 -20.47
C ILE C 35 13.72 -0.01 -21.32
N ARG C 36 14.56 -0.41 -22.29
CA ARG C 36 14.27 -1.60 -23.12
C ARG C 36 14.80 -2.85 -22.44
N LEU C 37 13.91 -3.68 -21.92
CA LEU C 37 14.35 -4.85 -21.17
C LEU C 37 14.81 -5.94 -22.13
N ASP C 38 15.96 -5.69 -22.77
CA ASP C 38 16.63 -6.71 -23.58
C ASP C 38 16.67 -8.02 -22.78
N THR C 39 15.95 -9.00 -23.31
CA THR C 39 15.86 -10.36 -22.75
C THR C 39 17.24 -11.04 -22.71
N GLU C 40 18.15 -10.51 -23.54
CA GLU C 40 19.49 -11.07 -23.79
C GLU C 40 20.59 -10.43 -22.91
N THR C 41 20.30 -9.30 -22.26
CA THR C 41 21.30 -8.56 -21.48
C THR C 41 21.38 -8.98 -20.00
N GLU C 42 21.35 -7.96 -19.15
CA GLU C 42 21.61 -8.15 -17.75
C GLU C 42 20.42 -7.79 -16.86
N GLY C 43 19.26 -7.62 -17.46
CA GLY C 43 18.05 -7.41 -16.68
C GLY C 43 17.83 -5.94 -16.40
N VAL C 44 17.07 -5.65 -15.35
CA VAL C 44 16.82 -4.25 -14.95
C VAL C 44 18.13 -3.61 -14.52
N PRO C 45 18.59 -2.56 -15.21
CA PRO C 45 19.90 -1.99 -14.84
C PRO C 45 19.96 -1.47 -13.39
N SER C 46 21.16 -1.44 -12.82
CA SER C 46 21.31 -0.96 -11.46
C SER C 46 20.94 0.50 -11.28
N THR C 47 21.08 1.32 -12.31
CA THR C 47 20.58 2.69 -12.21
C THR C 47 19.07 2.71 -11.90
N ALA C 48 18.28 1.95 -12.64
CA ALA C 48 16.84 1.89 -12.36
C ALA C 48 16.55 1.34 -10.97
N ILE C 49 17.28 0.32 -10.58
CA ILE C 49 17.07 -0.35 -9.32
C ILE C 49 17.25 0.68 -8.20
N ARG C 50 18.28 1.51 -8.33
CA ARG C 50 18.53 2.57 -7.33
C ARG C 50 17.56 3.76 -7.42
N GLU C 51 17.35 4.30 -8.61
CA GLU C 51 16.55 5.52 -8.72
C GLU C 51 15.12 5.24 -8.30
N ILE C 52 14.57 4.08 -8.68
CA ILE C 52 13.24 3.73 -8.29
C ILE C 52 13.10 3.46 -6.80
N SER C 53 13.97 2.65 -6.21
CA SER C 53 13.79 2.38 -4.78
C SER C 53 14.03 3.59 -3.88
N LEU C 54 15.05 4.39 -4.18
CA LEU C 54 15.34 5.59 -3.40
C LEU C 54 14.30 6.71 -3.60
N LEU C 55 13.92 6.93 -4.87
CA LEU C 55 12.95 7.98 -5.17
C LEU C 55 11.61 7.70 -4.53
N LYS C 56 11.24 6.44 -4.42
CA LYS C 56 9.95 6.19 -3.81
C LYS C 56 9.96 6.33 -2.31
N GLU C 57 11.13 6.35 -1.68
CA GLU C 57 11.25 6.82 -0.29
C GLU C 57 11.37 8.34 -0.11
N LEU C 58 11.89 9.05 -1.11
CA LEU C 58 12.21 10.46 -0.96
C LEU C 58 11.10 11.35 -1.46
N ASN C 59 10.30 11.89 -0.56
CA ASN C 59 9.16 12.71 -0.96
C ASN C 59 9.31 14.12 -0.39
N HIS C 60 9.51 15.09 -1.27
CA HIS C 60 9.97 16.43 -0.93
C HIS C 60 9.80 17.36 -2.13
N PRO C 61 9.40 18.61 -1.86
CA PRO C 61 9.20 19.67 -2.88
C PRO C 61 10.43 19.89 -3.78
N ASN C 62 11.62 19.53 -3.31
CA ASN C 62 12.81 19.77 -4.13
C ASN C 62 13.53 18.53 -4.63
N ILE C 63 12.78 17.45 -4.81
CA ILE C 63 13.28 16.21 -5.39
C ILE C 63 12.21 15.77 -6.35
N VAL C 64 12.57 15.35 -7.57
CA VAL C 64 11.56 15.05 -8.61
C VAL C 64 10.70 13.91 -8.16
N LYS C 65 9.42 14.01 -8.47
CA LYS C 65 8.43 13.05 -8.08
C LYS C 65 8.45 11.98 -9.14
N LEU C 66 8.67 10.73 -8.74
CA LEU C 66 8.42 9.60 -9.62
C LEU C 66 6.96 9.23 -9.50
N LEU C 67 6.21 9.45 -10.56
CA LEU C 67 4.77 9.28 -10.50
C LEU C 67 4.30 7.84 -10.62
N ASP C 68 4.93 7.10 -11.52
CA ASP C 68 4.51 5.74 -11.79
C ASP C 68 5.62 4.88 -12.44
N VAL C 69 5.58 3.58 -12.18
CA VAL C 69 6.44 2.67 -12.90
C VAL C 69 5.60 1.69 -13.70
N ILE C 70 5.81 1.62 -15.00
CA ILE C 70 4.97 0.75 -15.82
C ILE C 70 5.70 -0.44 -16.37
N HIS C 71 5.14 -1.61 -16.07
CA HIS C 71 5.73 -2.92 -16.34
C HIS C 71 5.04 -3.54 -17.55
N THR C 72 5.78 -3.76 -18.63
CA THR C 72 5.31 -4.74 -19.58
C THR C 72 6.23 -5.99 -19.47
N GLU C 73 6.00 -6.96 -20.36
CA GLU C 73 6.94 -8.07 -20.56
C GLU C 73 8.35 -7.66 -21.07
N ASN C 74 8.45 -6.67 -21.95
CA ASN C 74 9.76 -6.32 -22.54
C ASN C 74 10.20 -4.86 -22.35
N LYS C 75 9.35 -4.05 -21.74
CA LYS C 75 9.71 -2.67 -21.47
C LYS C 75 9.33 -2.20 -20.08
N LEU C 76 10.22 -1.41 -19.50
CA LEU C 76 9.99 -0.76 -18.21
C LEU C 76 9.89 0.74 -18.47
N TYR C 77 8.76 1.36 -18.23
CA TYR C 77 8.74 2.82 -18.33
C TYR C 77 8.74 3.47 -16.97
N LEU C 78 9.48 4.57 -16.86
CA LEU C 78 9.42 5.41 -15.68
C LEU C 78 8.67 6.70 -15.94
N VAL C 79 7.68 7.02 -15.13
CA VAL C 79 6.90 8.24 -15.35
C VAL C 79 7.21 9.26 -14.26
N PHE C 80 7.86 10.35 -14.68
CA PHE C 80 8.31 11.43 -13.79
C PHE C 80 7.44 12.67 -13.98
N GLU C 81 7.29 13.50 -12.96
CA GLU C 81 6.65 14.80 -13.19
C GLU C 81 7.48 15.55 -14.23
N PHE C 82 6.83 16.47 -14.94
CA PHE C 82 7.47 17.23 -16.00
C PHE C 82 8.03 18.52 -15.45
N LEU C 83 9.26 18.82 -15.82
CA LEU C 83 9.87 20.11 -15.52
C LEU C 83 10.57 20.65 -16.75
N HIS C 84 10.25 21.91 -17.02
CA HIS C 84 10.66 22.69 -18.17
C HIS C 84 12.02 22.40 -18.79
N GLN C 85 13.08 22.60 -18.00
CA GLN C 85 14.41 22.31 -18.46
C GLN C 85 15.33 22.12 -17.27
N ASP C 86 16.61 21.94 -17.57
CA ASP C 86 17.58 21.79 -16.53
C ASP C 86 18.40 23.05 -16.35
N LEU C 87 19.21 23.10 -15.29
CA LEU C 87 20.05 24.25 -14.96
C LEU C 87 21.09 24.59 -16.03
N LYS C 88 21.80 23.60 -16.57
CA LYS C 88 22.81 23.89 -17.63
C LYS C 88 22.20 24.71 -18.76
N LYS C 89 21.05 24.26 -19.26
CA LYS C 89 20.32 24.96 -20.31
C LYS C 89 19.82 26.31 -19.84
N PHE C 90 19.47 26.41 -18.56
CA PHE C 90 19.02 27.71 -18.09
C PHE C 90 20.22 28.66 -18.06
N MET C 91 21.37 28.14 -17.66
CA MET C 91 22.58 28.97 -17.57
C MET C 91 23.10 29.42 -18.96
N ASP C 92 23.08 28.54 -19.95
CA ASP C 92 23.53 28.95 -21.28
C ASP C 92 22.57 29.97 -21.91
N ALA C 93 21.29 29.76 -21.68
CA ALA C 93 20.26 30.69 -22.06
C ALA C 93 20.28 31.97 -21.23
N SER C 94 21.09 31.97 -20.17
CA SER C 94 21.26 33.19 -19.36
C SER C 94 22.67 33.81 -19.41
N ALA C 95 23.64 33.16 -20.05
CA ALA C 95 24.98 33.76 -20.30
C ALA C 95 24.89 35.12 -21.03
N LEU C 96 25.80 36.03 -20.71
CA LEU C 96 25.68 37.41 -21.21
C LEU C 96 25.00 38.34 -20.20
N THR C 97 23.78 37.99 -19.79
CA THR C 97 23.05 38.75 -18.75
C THR C 97 23.40 38.28 -17.30
N GLY C 98 23.68 37.00 -17.14
CA GLY C 98 23.81 36.38 -15.82
C GLY C 98 22.43 36.03 -15.28
N ILE C 99 22.34 34.96 -14.47
CA ILE C 99 21.17 34.71 -13.58
C ILE C 99 21.12 35.68 -12.41
N PRO C 100 19.96 36.32 -12.19
CA PRO C 100 19.89 37.40 -11.21
C PRO C 100 20.25 36.83 -9.86
N LEU C 101 20.87 37.65 -9.04
CA LEU C 101 21.46 37.17 -7.79
C LEU C 101 20.40 36.59 -6.82
N PRO C 102 19.23 37.24 -6.71
CA PRO C 102 18.17 36.69 -5.84
C PRO C 102 17.70 35.29 -6.26
N LEU C 103 17.80 34.98 -7.57
CA LEU C 103 17.43 33.65 -8.05
C LEU C 103 18.53 32.59 -7.83
N ILE C 104 19.80 32.98 -7.88
CA ILE C 104 20.85 32.09 -7.48
C ILE C 104 20.62 31.65 -6.04
N LYS C 105 20.34 32.62 -5.18
CA LYS C 105 20.23 32.36 -3.76
C LYS C 105 19.05 31.47 -3.44
N SER C 106 17.95 31.66 -4.14
CA SER C 106 16.76 30.86 -3.91
C SER C 106 16.98 29.43 -4.40
N TYR C 107 17.59 29.27 -5.58
CA TYR C 107 17.92 27.94 -6.12
C TYR C 107 18.85 27.17 -5.18
N LEU C 108 19.86 27.84 -4.66
CA LEU C 108 20.77 27.19 -3.73
C LEU C 108 20.10 26.83 -2.43
N PHE C 109 19.24 27.71 -1.91
CA PHE C 109 18.48 27.45 -0.70
C PHE C 109 17.67 26.18 -0.88
N GLN C 110 16.90 26.14 -1.97
CA GLN C 110 16.02 25.03 -2.26
C GLN C 110 16.81 23.71 -2.46
N LEU C 111 17.85 23.75 -3.28
CA LEU C 111 18.69 22.59 -3.44
C LEU C 111 19.28 22.09 -2.13
N LEU C 112 19.63 22.99 -1.22
CA LEU C 112 20.16 22.58 0.08
C LEU C 112 19.07 21.94 0.92
N GLN C 113 17.83 22.29 0.62
CA GLN C 113 16.69 21.73 1.32
C GLN C 113 16.42 20.29 0.88
N GLY C 114 16.61 20.04 -0.40
CA GLY C 114 16.46 18.70 -0.95
C GLY C 114 17.60 17.83 -0.47
N LEU C 115 18.84 18.34 -0.55
CA LEU C 115 19.99 17.60 -0.06
C LEU C 115 19.84 17.24 1.39
N ALA C 116 19.41 18.17 2.23
CA ALA C 116 19.29 17.87 3.66
C ALA C 116 18.31 16.72 3.90
N PHE C 117 17.21 16.74 3.18
CA PHE C 117 16.27 15.62 3.23
C PHE C 117 16.88 14.29 2.77
N CYS C 118 17.68 14.29 1.70
CA CYS C 118 18.34 13.07 1.26
C CYS C 118 19.23 12.57 2.39
N HIS C 119 20.07 13.46 2.88
CA HIS C 119 21.10 13.00 3.80
C HIS C 119 20.51 12.49 5.08
N SER C 120 19.43 13.10 5.52
CA SER C 120 18.83 12.61 6.74
C SER C 120 17.91 11.41 6.49
N HIS C 121 17.82 10.95 5.25
CA HIS C 121 17.15 9.72 4.93
C HIS C 121 18.17 8.73 4.40
N ARG C 122 19.40 8.87 4.90
CA ARG C 122 20.54 8.07 4.43
C ARG C 122 20.68 7.81 2.95
N VAL C 123 20.46 8.84 2.13
CA VAL C 123 20.78 8.78 0.72
C VAL C 123 21.82 9.81 0.32
N LEU C 124 22.85 9.36 -0.42
CA LEU C 124 23.76 10.25 -1.14
C LEU C 124 23.39 10.34 -2.59
N HIS C 125 23.34 11.55 -3.14
CA HIS C 125 23.10 11.70 -4.56
C HIS C 125 24.29 11.23 -5.43
N ARG C 126 25.48 11.76 -5.16
CA ARG C 126 26.75 11.27 -5.73
C ARG C 126 27.11 11.84 -7.11
N ASP C 127 26.16 12.49 -7.78
CA ASP C 127 26.43 13.00 -9.11
C ASP C 127 25.61 14.25 -9.35
N LEU C 128 25.81 15.25 -8.49
CA LEU C 128 25.11 16.52 -8.64
C LEU C 128 25.84 17.33 -9.70
N LYS C 129 25.09 17.81 -10.69
CA LYS C 129 25.64 18.69 -11.69
C LYS C 129 24.48 19.35 -12.39
N PRO C 130 24.72 20.50 -13.05
CA PRO C 130 23.72 21.30 -13.73
C PRO C 130 22.75 20.51 -14.61
N GLN C 131 23.23 19.45 -15.27
CA GLN C 131 22.31 18.60 -16.08
C GLN C 131 21.26 17.81 -15.29
N ASN C 132 21.52 17.58 -14.01
CA ASN C 132 20.65 16.77 -13.15
C ASN C 132 19.78 17.59 -12.19
N LEU C 133 19.77 18.91 -12.37
CA LEU C 133 18.91 19.75 -11.55
C LEU C 133 17.92 20.36 -12.50
N LEU C 134 16.64 20.32 -12.11
CA LEU C 134 15.57 20.68 -13.04
C LEU C 134 14.74 21.85 -12.48
N ILE C 135 14.33 22.78 -13.33
CA ILE C 135 13.56 23.94 -12.89
C ILE C 135 12.19 24.00 -13.57
N ASN C 136 11.22 24.60 -12.87
CA ASN C 136 9.95 24.86 -13.44
C ASN C 136 9.76 26.34 -13.74
N THR C 137 8.62 26.68 -14.32
CA THR C 137 8.39 28.05 -14.75
C THR C 137 8.03 28.97 -13.55
N GLU C 138 7.90 28.37 -12.38
CA GLU C 138 7.40 29.06 -11.17
C GLU C 138 8.54 29.44 -10.25
N GLY C 139 9.76 29.05 -10.54
CA GLY C 139 10.83 29.34 -9.61
C GLY C 139 11.19 28.23 -8.65
N ALA C 140 10.71 27.01 -8.92
CA ALA C 140 11.18 25.83 -8.16
C ALA C 140 12.39 25.24 -8.87
N ILE C 141 13.28 24.62 -8.09
CA ILE C 141 14.33 23.75 -8.65
C ILE C 141 14.37 22.44 -7.87
N LYS C 142 14.69 21.33 -8.55
CA LYS C 142 14.66 20.01 -7.92
C LYS C 142 15.84 19.12 -8.27
N LEU C 143 16.29 18.29 -7.32
CA LEU C 143 17.30 17.29 -7.62
C LEU C 143 16.71 16.16 -8.46
N ALA C 144 17.44 15.69 -9.46
CA ALA C 144 16.96 14.58 -10.28
C ALA C 144 18.07 13.62 -10.65
N ASP C 145 17.75 12.56 -11.39
CA ASP C 145 18.75 11.59 -11.80
C ASP C 145 19.45 10.91 -10.63
N PHE C 146 18.72 10.03 -9.97
CA PHE C 146 19.25 9.35 -8.81
C PHE C 146 19.79 7.99 -9.23
N GLY C 147 20.10 7.82 -10.51
CA GLY C 147 20.63 6.54 -10.99
C GLY C 147 21.90 6.08 -10.29
N LEU C 148 22.69 7.02 -9.78
CA LEU C 148 23.98 6.71 -9.19
C LEU C 148 23.92 6.90 -7.69
N ALA C 149 22.76 7.35 -7.19
CA ALA C 149 22.51 7.50 -5.74
C ALA C 149 22.70 6.22 -4.98
N ARG C 150 23.12 6.33 -3.72
CA ARG C 150 23.38 5.15 -2.90
C ARG C 150 22.83 5.35 -1.50
N ALA C 151 22.21 4.33 -0.94
CA ALA C 151 21.82 4.34 0.46
C ALA C 151 23.07 4.06 1.32
N PHE C 152 23.27 4.84 2.38
CA PHE C 152 24.47 4.65 3.19
C PHE C 152 24.19 4.25 4.63
N GLY C 153 23.21 3.39 4.84
CA GLY C 153 23.16 2.63 6.10
C GLY C 153 24.49 1.98 6.46
N VAL C 154 25.33 1.78 5.46
CA VAL C 154 26.65 1.20 5.69
C VAL C 154 27.56 2.00 4.74
N PRO C 155 28.76 2.39 5.19
CA PRO C 155 29.55 3.31 4.36
C PRO C 155 29.71 2.86 2.89
N VAL C 156 29.51 3.78 1.96
CA VAL C 156 29.55 3.46 0.54
C VAL C 156 31.00 3.50 0.02
N ARG C 157 31.44 2.39 -0.56
CA ARG C 157 32.79 2.26 -1.13
C ARG C 157 32.98 3.01 -2.42
N THR C 158 34.15 3.60 -2.51
CA THR C 158 34.62 4.31 -3.69
C THR C 158 34.88 3.45 -4.94
N TYR C 159 34.53 3.97 -6.11
CA TYR C 159 34.78 3.26 -7.39
C TYR C 159 36.25 3.47 -7.71
N THR C 160 36.97 2.43 -8.11
CA THR C 160 38.38 2.64 -8.53
C THR C 160 38.24 3.16 -9.96
N HIS C 161 38.40 4.44 -10.23
CA HIS C 161 38.14 4.98 -11.57
C HIS C 161 36.65 5.12 -11.86
N GLU C 162 36.06 6.13 -11.23
CA GLU C 162 34.70 6.47 -11.62
C GLU C 162 34.72 7.05 -13.02
N VAL C 163 33.56 6.96 -13.65
CA VAL C 163 33.40 7.68 -14.91
C VAL C 163 32.44 8.90 -14.87
N VAL C 164 31.98 9.31 -13.67
CA VAL C 164 31.15 10.53 -13.53
C VAL C 164 32.05 11.73 -13.88
N THR C 165 31.74 12.49 -14.95
CA THR C 165 32.60 13.65 -15.35
C THR C 165 33.19 14.51 -14.22
N LEU C 166 34.41 14.98 -14.45
CA LEU C 166 35.29 15.30 -13.34
C LEU C 166 34.96 16.61 -12.58
N TRP C 167 34.23 17.53 -13.20
CA TRP C 167 34.21 18.95 -12.79
C TRP C 167 33.66 19.21 -11.40
N TYR C 168 32.78 18.31 -10.97
CA TYR C 168 32.04 18.45 -9.73
C TYR C 168 32.49 17.42 -8.70
N ARG C 169 33.67 16.86 -8.90
CA ARG C 169 34.18 15.81 -8.03
C ARG C 169 35.03 16.32 -6.87
N ALA C 170 34.74 15.85 -5.66
CA ALA C 170 35.40 16.32 -4.44
C ALA C 170 36.87 15.89 -4.38
N PRO C 171 37.75 16.74 -3.79
CA PRO C 171 39.18 16.39 -3.69
C PRO C 171 39.48 15.03 -3.06
N GLU C 172 38.75 14.63 -2.01
CA GLU C 172 39.01 13.35 -1.30
C GLU C 172 38.80 12.15 -2.21
N ILE C 173 37.86 12.26 -3.15
CA ILE C 173 37.65 11.23 -4.14
C ILE C 173 38.81 11.17 -5.13
N LEU C 174 39.26 12.33 -5.63
CA LEU C 174 40.39 12.40 -6.56
C LEU C 174 41.65 11.88 -5.90
N LEU C 175 41.80 12.15 -4.61
CA LEU C 175 42.98 11.65 -3.89
C LEU C 175 42.84 10.20 -3.50
N GLY C 176 41.79 9.53 -3.98
CA GLY C 176 41.61 8.10 -3.72
C GLY C 176 41.21 7.66 -2.32
N CYS C 177 40.36 8.40 -1.62
CA CYS C 177 39.87 7.82 -0.36
C CYS C 177 38.91 6.64 -0.58
N LYS C 178 38.63 5.94 0.51
CA LYS C 178 38.02 4.60 0.48
C LYS C 178 36.49 4.63 0.44
N TYR C 179 35.92 5.60 1.14
CA TYR C 179 34.47 5.77 1.19
C TYR C 179 33.99 7.20 0.84
N TYR C 180 32.81 7.29 0.22
CA TYR C 180 32.13 8.57 0.12
C TYR C 180 31.64 9.00 1.47
N SER C 181 31.28 10.27 1.57
CA SER C 181 30.47 10.73 2.67
C SER C 181 29.57 11.82 2.11
N THR C 182 28.74 12.41 2.94
CA THR C 182 27.76 13.39 2.45
C THR C 182 28.45 14.65 1.94
N ALA C 183 29.67 14.87 2.43
CA ALA C 183 30.48 15.99 2.04
C ALA C 183 30.76 16.03 0.53
N VAL C 184 30.65 14.92 -0.19
CA VAL C 184 30.93 14.99 -1.63
C VAL C 184 29.84 15.76 -2.37
N ASP C 185 28.61 15.65 -1.85
CA ASP C 185 27.42 16.30 -2.36
C ASP C 185 27.49 17.81 -2.16
N ILE C 186 27.92 18.24 -0.99
CA ILE C 186 28.14 19.64 -0.70
C ILE C 186 29.22 20.28 -1.59
N TRP C 187 30.36 19.60 -1.74
CA TRP C 187 31.40 20.06 -2.67
C TRP C 187 30.80 20.40 -4.03
N SER C 188 30.07 19.43 -4.58
CA SER C 188 29.48 19.57 -5.90
C SER C 188 28.61 20.82 -5.95
N LEU C 189 27.76 20.94 -4.96
CA LEU C 189 26.89 22.10 -4.86
C LEU C 189 27.68 23.38 -4.69
N GLY C 190 28.73 23.36 -3.88
CA GLY C 190 29.67 24.49 -3.92
C GLY C 190 30.07 24.92 -5.34
N CYS C 191 30.45 23.96 -6.19
CA CYS C 191 30.85 24.28 -7.59
C CYS C 191 29.69 24.80 -8.42
N ILE C 192 28.49 24.31 -8.18
CA ILE C 192 27.37 24.74 -8.98
C ILE C 192 27.02 26.16 -8.60
N PHE C 193 27.15 26.43 -7.31
CA PHE C 193 26.90 27.75 -6.76
C PHE C 193 27.86 28.76 -7.42
N ALA C 194 29.13 28.36 -7.56
CA ALA C 194 30.15 29.27 -8.08
C ALA C 194 29.91 29.47 -9.57
N GLU C 195 29.50 28.40 -10.21
CA GLU C 195 29.24 28.40 -11.63
C GLU C 195 28.04 29.27 -12.01
N MET C 196 26.99 29.26 -11.18
CA MET C 196 25.85 30.16 -11.42
C MET C 196 26.26 31.61 -11.32
N VAL C 197 27.17 31.93 -10.40
CA VAL C 197 27.60 33.30 -10.20
C VAL C 197 28.55 33.73 -11.34
N THR C 198 29.64 33.01 -11.56
CA THR C 198 30.65 33.48 -12.53
C THR C 198 30.28 33.16 -13.96
N ARG C 199 29.28 32.30 -14.14
CA ARG C 199 28.84 31.94 -15.47
C ARG C 199 29.78 30.99 -16.19
N ARG C 200 30.66 30.35 -15.43
CA ARG C 200 31.63 29.43 -16.00
C ARG C 200 31.99 28.37 -14.94
N ALA C 201 32.27 27.16 -15.40
CA ALA C 201 32.61 26.08 -14.51
C ALA C 201 33.82 26.37 -13.63
N LEU C 202 33.73 26.13 -12.33
CA LEU C 202 34.83 26.49 -11.45
C LEU C 202 36.10 25.68 -11.75
N PHE C 203 35.94 24.38 -11.86
CA PHE C 203 37.10 23.52 -11.98
C PHE C 203 36.96 22.61 -13.20
N PRO C 204 37.01 23.15 -14.44
CA PRO C 204 36.91 22.26 -15.61
C PRO C 204 38.19 21.50 -16.00
N GLY C 205 38.42 20.41 -15.28
CA GLY C 205 39.63 19.64 -15.42
C GLY C 205 39.50 18.65 -16.57
N ASP C 206 40.58 18.45 -17.33
CA ASP C 206 40.56 17.50 -18.44
C ASP C 206 40.85 16.03 -18.07
N SER C 207 41.52 15.79 -16.95
CA SER C 207 41.72 14.42 -16.46
C SER C 207 41.81 14.50 -14.94
N GLU C 208 42.09 13.37 -14.30
CA GLU C 208 42.16 13.34 -12.83
C GLU C 208 43.29 14.21 -12.25
N ILE C 209 44.43 14.24 -12.93
CA ILE C 209 45.55 15.06 -12.46
C ILE C 209 45.25 16.54 -12.72
N ASP C 210 44.63 16.77 -13.86
CA ASP C 210 44.37 18.10 -14.38
C ASP C 210 43.33 18.78 -13.48
N GLN C 211 42.43 17.94 -12.97
CA GLN C 211 41.31 18.34 -12.14
C GLN C 211 41.78 18.73 -10.73
N LEU C 212 42.70 17.96 -10.17
CA LEU C 212 43.31 18.32 -8.91
C LEU C 212 44.08 19.63 -9.00
N PHE C 213 44.76 19.87 -10.13
CA PHE C 213 45.72 20.97 -10.25
C PHE C 213 44.96 22.28 -10.31
N ARG C 214 43.86 22.21 -11.06
CA ARG C 214 42.82 23.24 -11.13
C ARG C 214 42.19 23.61 -9.78
N ILE C 215 42.05 22.61 -8.93
CA ILE C 215 41.64 22.87 -7.58
C ILE C 215 42.76 23.53 -6.76
N PHE C 216 43.98 23.03 -6.93
CA PHE C 216 45.14 23.55 -6.19
C PHE C 216 45.39 25.01 -6.52
N ARG C 217 45.18 25.36 -7.79
CA ARG C 217 45.42 26.72 -8.30
C ARG C 217 44.55 27.70 -7.60
N THR C 218 43.30 27.31 -7.42
CA THR C 218 42.28 28.18 -6.85
C THR C 218 42.30 28.17 -5.33
N LEU C 219 42.55 27.03 -4.71
CA LEU C 219 42.33 26.92 -3.26
C LEU C 219 43.64 26.77 -2.50
N GLY C 220 44.72 26.62 -3.25
CA GLY C 220 46.03 26.33 -2.65
C GLY C 220 46.22 24.82 -2.56
N THR C 221 47.47 24.38 -2.52
CA THR C 221 47.74 22.99 -2.24
C THR C 221 47.41 22.73 -0.76
N PRO C 222 46.63 21.67 -0.51
CA PRO C 222 46.32 21.18 0.82
C PRO C 222 47.55 20.66 1.59
N ASP C 223 47.58 20.82 2.92
CA ASP C 223 48.73 20.43 3.71
C ASP C 223 48.17 19.91 5.03
N GLU C 224 49.01 19.32 5.88
CA GLU C 224 48.54 18.54 7.01
C GLU C 224 47.86 19.44 8.04
N VAL C 225 48.21 20.72 7.98
CA VAL C 225 47.62 21.80 8.78
C VAL C 225 46.12 21.98 8.47
N VAL C 226 45.82 22.34 7.22
CA VAL C 226 44.46 22.49 6.69
C VAL C 226 43.63 21.18 6.66
N TRP C 227 44.25 20.07 6.25
CA TRP C 227 43.56 18.78 6.04
C TRP C 227 44.41 17.67 6.70
N PRO C 228 44.29 17.51 8.02
CA PRO C 228 45.02 16.44 8.71
C PRO C 228 44.78 15.09 8.04
N GLY C 229 45.80 14.53 7.38
CA GLY C 229 45.65 13.23 6.73
C GLY C 229 46.00 13.21 5.25
N VAL C 230 46.03 14.38 4.61
CA VAL C 230 46.17 14.45 3.14
C VAL C 230 47.35 13.68 2.61
N THR C 231 48.52 13.91 3.19
CA THR C 231 49.75 13.32 2.67
C THR C 231 49.84 11.79 2.84
N SER C 232 48.98 11.22 3.69
CA SER C 232 48.91 9.77 3.88
C SER C 232 47.88 9.11 2.96
N MET C 233 47.15 9.91 2.17
CA MET C 233 46.13 9.38 1.27
C MET C 233 46.77 8.71 0.04
N PRO C 234 46.12 7.67 -0.52
CA PRO C 234 46.62 6.86 -1.64
C PRO C 234 47.13 7.63 -2.87
N ASP C 235 46.38 8.60 -3.36
CA ASP C 235 46.75 9.28 -4.61
C ASP C 235 47.50 10.62 -4.46
N TYR C 236 47.95 10.89 -3.24
CA TYR C 236 48.80 12.05 -2.96
C TYR C 236 50.24 11.82 -3.42
N LYS C 237 50.84 12.82 -4.06
CA LYS C 237 52.28 12.82 -4.35
C LYS C 237 53.04 13.96 -3.68
N PRO C 238 54.20 13.66 -3.04
CA PRO C 238 55.01 14.72 -2.42
C PRO C 238 55.51 15.72 -3.47
N SER C 239 55.52 15.30 -4.73
CA SER C 239 55.94 16.11 -5.88
C SER C 239 54.89 17.09 -6.42
N PHE C 240 53.74 17.15 -5.78
CA PHE C 240 52.71 18.12 -6.14
C PHE C 240 53.22 19.53 -5.84
N PRO C 241 53.04 20.46 -6.78
CA PRO C 241 53.36 21.90 -6.67
C PRO C 241 52.81 22.44 -5.36
N LYS C 242 53.55 23.32 -4.67
CA LYS C 242 53.03 23.93 -3.44
C LYS C 242 52.58 25.37 -3.70
N TRP C 243 51.40 25.48 -4.30
CA TRP C 243 50.72 26.73 -4.57
C TRP C 243 49.98 27.33 -3.37
N ALA C 244 49.97 28.65 -3.31
CA ALA C 244 49.49 29.31 -2.13
C ALA C 244 48.04 29.66 -2.38
N ARG C 245 47.24 29.56 -1.32
CA ARG C 245 45.83 29.76 -1.45
C ARG C 245 45.60 31.17 -1.97
N GLN C 246 45.05 31.27 -3.16
CA GLN C 246 44.73 32.60 -3.66
C GLN C 246 43.45 33.16 -3.04
N ASP C 247 43.21 34.45 -3.29
CA ASP C 247 42.27 35.22 -2.50
C ASP C 247 40.86 35.06 -2.99
N PHE C 248 39.99 34.74 -2.02
CA PHE C 248 38.66 34.27 -2.36
C PHE C 248 37.76 35.30 -3.04
N SER C 249 37.98 36.57 -2.72
CA SER C 249 37.33 37.70 -3.35
C SER C 249 37.52 37.74 -4.88
N LYS C 250 38.62 37.17 -5.36
CA LYS C 250 38.94 37.19 -6.80
C LYS C 250 38.40 35.97 -7.58
N VAL C 251 38.09 34.88 -6.85
CA VAL C 251 37.35 33.72 -7.40
C VAL C 251 35.89 34.01 -7.78
N VAL C 252 35.14 34.70 -6.92
CA VAL C 252 33.75 35.08 -7.24
C VAL C 252 33.48 36.56 -6.93
N PRO C 253 33.92 37.47 -7.82
CA PRO C 253 33.65 38.91 -7.68
C PRO C 253 32.25 39.28 -7.16
N PRO C 254 31.18 38.96 -7.89
CA PRO C 254 29.87 39.54 -7.59
C PRO C 254 29.16 39.12 -6.30
N LEU C 255 29.89 38.59 -5.33
CA LEU C 255 29.27 37.88 -4.20
C LEU C 255 29.64 38.65 -2.96
N ASP C 256 28.70 38.77 -2.03
CA ASP C 256 28.88 39.59 -0.88
C ASP C 256 29.62 38.82 0.22
N GLU C 257 29.78 39.39 1.41
CA GLU C 257 30.54 38.72 2.45
C GLU C 257 29.85 37.43 2.94
N ASP C 258 28.51 37.41 2.98
CA ASP C 258 27.82 36.22 3.45
C ASP C 258 27.97 35.09 2.40
N GLY C 259 27.83 35.43 1.13
CA GLY C 259 28.03 34.46 0.07
C GLY C 259 29.41 33.82 0.05
N ARG C 260 30.45 34.61 0.27
CA ARG C 260 31.80 34.09 0.17
C ARG C 260 32.16 33.24 1.38
N SER C 261 31.67 33.66 2.55
CA SER C 261 31.68 32.85 3.75
C SER C 261 31.05 31.47 3.49
N LEU C 262 29.84 31.43 2.96
CA LEU C 262 29.17 30.17 2.74
C LEU C 262 29.96 29.37 1.70
N LEU C 263 30.30 30.02 0.59
CA LEU C 263 30.90 29.27 -0.50
C LEU C 263 32.21 28.64 -0.05
N SER C 264 32.94 29.31 0.82
CA SER C 264 34.22 28.75 1.21
C SER C 264 34.08 27.63 2.25
N GLN C 265 32.99 27.64 3.02
CA GLN C 265 32.68 26.55 3.96
C GLN C 265 32.20 25.31 3.18
N MET C 266 31.57 25.52 2.03
CA MET C 266 31.17 24.45 1.14
C MET C 266 32.29 23.80 0.36
N LEU C 267 33.36 24.57 0.07
CA LEU C 267 34.59 24.05 -0.53
C LEU C 267 35.77 23.94 0.42
N HIS C 268 35.53 23.75 1.71
CA HIS C 268 36.60 23.34 2.63
C HIS C 268 37.22 21.99 2.18
N TYR C 269 38.54 21.90 2.13
CA TYR C 269 39.25 20.68 1.76
C TYR C 269 38.89 19.45 2.59
N ASP C 270 38.84 19.62 3.92
CA ASP C 270 38.62 18.50 4.82
C ASP C 270 37.16 18.14 4.91
N PRO C 271 36.79 16.93 4.48
CA PRO C 271 35.37 16.59 4.41
C PRO C 271 34.73 16.51 5.79
N ASN C 272 35.51 16.29 6.83
CA ASN C 272 35.06 16.42 8.21
C ASN C 272 34.63 17.80 8.64
N LYS C 273 35.24 18.82 8.03
CA LYS C 273 34.95 20.20 8.43
C LYS C 273 34.09 20.95 7.40
N ARG C 274 33.82 20.30 6.28
CA ARG C 274 33.01 20.93 5.25
C ARG C 274 31.57 20.95 5.72
N ILE C 275 30.96 22.12 5.66
CA ILE C 275 29.65 22.37 6.23
C ILE C 275 28.59 21.39 5.68
N SER C 276 27.67 20.96 6.55
CA SER C 276 26.61 20.02 6.20
C SER C 276 25.49 20.82 5.62
N ALA C 277 24.54 20.15 4.98
CA ALA C 277 23.44 20.81 4.30
C ALA C 277 22.53 21.47 5.33
N LYS C 278 22.33 20.79 6.45
CA LYS C 278 21.49 21.39 7.50
C LYS C 278 22.13 22.69 8.04
N ALA C 279 23.43 22.69 8.24
CA ALA C 279 24.05 23.88 8.77
C ALA C 279 24.14 25.03 7.73
N ALA C 280 24.26 24.68 6.46
CA ALA C 280 24.25 25.70 5.43
C ALA C 280 22.93 26.41 5.40
N LEU C 281 21.85 25.68 5.62
CA LEU C 281 20.52 26.29 5.56
C LEU C 281 20.34 27.34 6.66
N ALA C 282 21.21 27.29 7.66
CA ALA C 282 21.09 28.23 8.76
C ALA C 282 22.10 29.38 8.58
N HIS C 283 22.87 29.39 7.49
CA HIS C 283 23.83 30.46 7.23
C HIS C 283 23.12 31.81 7.01
N PRO C 284 23.68 32.89 7.59
CA PRO C 284 23.13 34.25 7.46
C PRO C 284 22.85 34.67 6.02
N PHE C 285 23.53 34.06 5.04
CA PHE C 285 23.27 34.30 3.61
C PHE C 285 21.80 34.08 3.20
N PHE C 286 21.11 33.18 3.89
CA PHE C 286 19.72 32.87 3.55
C PHE C 286 18.71 33.58 4.45
N GLN C 287 19.10 34.59 5.21
CA GLN C 287 18.11 35.33 6.01
C GLN C 287 17.11 36.15 5.17
N ASP C 288 17.52 36.69 4.02
CA ASP C 288 16.61 37.51 3.22
C ASP C 288 16.22 36.82 1.93
N VAL C 289 16.19 35.49 1.96
CA VAL C 289 15.85 34.63 0.81
C VAL C 289 14.41 34.89 0.33
N THR C 290 14.19 34.88 -0.98
CA THR C 290 12.86 35.12 -1.51
C THR C 290 12.57 34.04 -2.57
N LYS C 291 11.52 34.22 -3.36
CA LYS C 291 11.13 33.25 -4.40
C LYS C 291 10.84 33.90 -5.78
N PRO C 292 11.87 34.42 -6.47
CA PRO C 292 11.66 35.00 -7.80
C PRO C 292 11.36 33.98 -8.87
N VAL C 293 10.74 34.40 -9.98
CA VAL C 293 10.42 33.53 -11.11
C VAL C 293 11.43 33.74 -12.23
N PRO C 294 11.85 32.66 -12.89
CA PRO C 294 12.88 32.84 -13.93
C PRO C 294 12.28 33.37 -15.23
N HIS C 295 13.09 34.11 -15.99
CA HIS C 295 12.72 34.54 -17.33
C HIS C 295 13.28 33.53 -18.34
N LEU C 296 12.35 32.80 -18.97
CA LEU C 296 12.60 31.79 -20.00
C LEU C 296 12.26 32.35 -21.39
N ARG C 297 13.01 31.94 -22.41
N ASN D 1 32.18 11.76 21.36
CA ASN D 1 32.27 12.86 20.39
C ASN D 1 32.16 12.36 18.94
N GLU D 2 32.24 13.48 17.78
CA GLU D 2 32.40 13.02 16.37
C GLU D 2 31.15 12.41 15.70
N VAL D 3 30.00 13.08 15.80
CA VAL D 3 28.76 12.57 15.21
C VAL D 3 28.05 13.62 14.34
N PRO D 4 27.82 13.30 13.05
CA PRO D 4 27.22 14.22 12.07
C PRO D 4 25.82 14.66 12.46
N ASP D 5 25.35 15.80 11.96
CA ASP D 5 24.08 16.35 12.43
C ASP D 5 22.79 15.63 11.94
N TYR D 6 22.93 14.62 11.09
CA TYR D 6 21.80 13.87 10.53
C TYR D 6 21.79 12.45 11.11
N HIS D 7 22.83 12.09 11.83
CA HIS D 7 23.02 10.73 12.32
C HIS D 7 21.93 10.24 13.27
N GLU D 8 21.46 11.09 14.18
CA GLU D 8 20.31 10.78 15.02
C GLU D 8 19.05 10.65 14.17
N ASP D 9 18.97 11.45 13.12
CA ASP D 9 17.84 11.45 12.21
C ASP D 9 17.77 10.14 11.42
N ILE D 10 18.93 9.65 10.99
CA ILE D 10 19.00 8.40 10.28
C ILE D 10 18.57 7.28 11.21
N HIS D 11 19.09 7.26 12.44
CA HIS D 11 18.68 6.21 13.36
C HIS D 11 17.16 6.21 13.65
N THR D 12 16.54 7.39 13.75
CA THR D 12 15.08 7.44 13.90
C THR D 12 14.37 6.87 12.67
N TYR D 13 14.90 7.22 11.50
CA TYR D 13 14.30 6.84 10.24
C TYR D 13 14.45 5.34 9.94
N LEU D 14 15.59 4.77 10.33
CA LEU D 14 15.79 3.34 10.17
C LEU D 14 14.88 2.60 11.13
N ARG D 15 14.60 3.17 12.31
CA ARG D 15 13.69 2.54 13.28
C ARG D 15 12.24 2.58 12.79
N GLU D 16 11.95 3.54 11.93
CA GLU D 16 10.62 3.61 11.34
C GLU D 16 10.53 2.67 10.15
N MET D 17 11.64 2.50 9.46
CA MET D 17 11.63 1.70 8.24
C MET D 17 11.71 0.19 8.49
N GLU D 18 12.30 -0.21 9.62
CA GLU D 18 12.43 -1.64 9.97
C GLU D 18 11.07 -2.30 10.26
N VAL D 19 10.06 -1.48 10.57
CA VAL D 19 8.72 -1.97 10.87
C VAL D 19 7.90 -2.13 9.62
N LYS D 20 8.17 -1.30 8.61
CA LYS D 20 7.55 -1.41 7.31
C LYS D 20 8.14 -2.58 6.54
N CYS D 21 9.39 -2.92 6.80
CA CYS D 21 10.07 -4.00 6.06
C CYS D 21 10.06 -5.36 6.75
N LYS D 22 9.21 -5.50 7.77
CA LYS D 22 9.12 -6.73 8.54
C LYS D 22 8.37 -7.74 7.68
N PRO D 23 8.91 -8.96 7.56
CA PRO D 23 8.20 -10.13 7.03
C PRO D 23 7.08 -10.55 7.98
N LYS D 24 6.08 -11.29 7.49
CA LYS D 24 5.05 -11.80 8.40
C LYS D 24 5.66 -12.82 9.37
N VAL D 25 5.07 -12.93 10.57
CA VAL D 25 5.59 -13.79 11.64
C VAL D 25 5.62 -15.28 11.22
N GLY D 26 4.47 -15.93 11.21
CA GLY D 26 4.48 -17.36 10.94
C GLY D 26 4.24 -17.69 9.48
N TYR D 27 5.04 -17.11 8.58
CA TYR D 27 4.72 -17.16 7.15
C TYR D 27 4.93 -18.56 6.58
N MET D 28 5.88 -19.28 7.14
CA MET D 28 6.28 -20.58 6.64
C MET D 28 5.18 -21.61 6.90
N LYS D 29 4.30 -21.30 7.83
CA LYS D 29 3.23 -22.19 8.26
C LYS D 29 2.08 -22.24 7.25
N LYS D 30 1.87 -21.11 6.56
CA LYS D 30 0.91 -21.00 5.47
C LYS D 30 1.58 -21.30 4.12
N GLN D 31 2.82 -21.78 4.18
CA GLN D 31 3.54 -22.14 2.98
C GLN D 31 3.55 -23.70 2.89
N PRO D 32 2.73 -24.26 1.98
CA PRO D 32 2.37 -25.67 1.94
C PRO D 32 3.50 -26.65 1.60
N ASP D 33 4.48 -26.21 0.81
CA ASP D 33 5.45 -27.11 0.25
C ASP D 33 6.87 -26.87 0.77
N ILE D 34 7.07 -25.79 1.53
CA ILE D 34 8.42 -25.50 2.05
C ILE D 34 8.47 -25.21 3.58
N THR D 35 9.69 -25.11 4.10
CA THR D 35 10.00 -25.27 5.51
C THR D 35 11.12 -24.38 5.96
N ASN D 36 11.11 -24.02 7.25
CA ASN D 36 12.29 -23.42 7.91
C ASN D 36 13.62 -24.13 7.71
N SER D 37 13.61 -25.45 7.66
CA SER D 37 14.83 -26.24 7.39
C SER D 37 15.33 -25.98 5.99
N MET D 38 14.39 -25.91 5.04
CA MET D 38 14.73 -25.58 3.66
C MET D 38 15.18 -24.12 3.52
N ARG D 39 14.56 -23.23 4.28
CA ARG D 39 15.04 -21.85 4.30
C ARG D 39 16.47 -21.77 4.87
N ALA D 40 16.73 -22.51 5.95
CA ALA D 40 18.10 -22.61 6.49
C ALA D 40 19.09 -23.05 5.44
N ILE D 41 18.71 -23.99 4.59
CA ILE D 41 19.65 -24.53 3.61
C ILE D 41 19.97 -23.49 2.55
N LEU D 42 18.93 -22.75 2.13
CA LEU D 42 19.08 -21.72 1.10
C LEU D 42 20.00 -20.58 1.56
N VAL D 43 19.68 -20.03 2.73
CA VAL D 43 20.48 -18.91 3.27
C VAL D 43 21.92 -19.35 3.39
N ASP D 44 22.15 -20.55 3.91
CA ASP D 44 23.51 -21.04 4.10
C ASP D 44 24.20 -21.19 2.78
N TRP D 45 23.49 -21.62 1.75
CA TRP D 45 24.04 -21.54 0.37
C TRP D 45 24.38 -20.10 -0.14
N LEU D 46 23.58 -19.10 0.29
CA LEU D 46 23.87 -17.74 -0.15
C LEU D 46 25.13 -17.26 0.52
N VAL D 47 25.35 -17.69 1.75
CA VAL D 47 26.60 -17.35 2.41
C VAL D 47 27.82 -17.75 1.59
N GLU D 48 27.84 -18.99 1.10
CA GLU D 48 28.90 -19.43 0.18
C GLU D 48 28.98 -18.59 -1.06
N VAL D 49 27.83 -18.35 -1.70
CA VAL D 49 27.80 -17.57 -2.93
C VAL D 49 28.44 -16.20 -2.73
N GLY D 50 28.14 -15.55 -1.60
CA GLY D 50 28.85 -14.31 -1.19
C GLY D 50 30.37 -14.43 -1.10
N GLU D 51 30.83 -15.46 -0.39
CA GLU D 51 32.26 -15.69 -0.19
C GLU D 51 32.97 -15.88 -1.53
N GLU D 52 32.31 -16.67 -2.38
CA GLU D 52 32.85 -17.06 -3.67
C GLU D 52 32.93 -15.86 -4.61
N TYR D 53 31.96 -14.94 -4.57
CA TYR D 53 32.07 -13.79 -5.45
C TYR D 53 32.57 -12.52 -4.73
N LYS D 54 33.00 -12.70 -3.47
CA LYS D 54 33.53 -11.62 -2.64
C LYS D 54 32.53 -10.45 -2.49
N LEU D 55 31.32 -10.76 -2.06
CA LEU D 55 30.29 -9.79 -1.85
C LEU D 55 30.38 -9.25 -0.45
N GLN D 56 29.87 -8.03 -0.30
CA GLN D 56 29.66 -7.38 0.97
C GLN D 56 28.73 -8.21 1.84
N ASN D 57 28.93 -8.14 3.16
CA ASN D 57 28.02 -8.78 4.07
C ASN D 57 26.63 -8.19 3.96
N GLU D 58 26.57 -6.90 3.68
CA GLU D 58 25.29 -6.22 3.51
C GLU D 58 24.45 -6.78 2.36
N THR D 59 25.05 -7.08 1.22
CA THR D 59 24.39 -7.73 0.12
C THR D 59 23.62 -8.98 0.53
N LEU D 60 24.20 -9.72 1.46
CA LEU D 60 23.64 -10.96 1.96
C LEU D 60 22.44 -10.65 2.83
N HIS D 61 22.61 -9.73 3.76
CA HIS D 61 21.49 -9.36 4.61
C HIS D 61 20.32 -8.88 3.82
N LEU D 62 20.53 -8.12 2.76
CA LEU D 62 19.38 -7.57 2.02
C LEU D 62 18.69 -8.71 1.30
N ALA D 63 19.46 -9.55 0.64
CA ALA D 63 18.92 -10.74 0.00
C ALA D 63 17.97 -11.52 0.91
N VAL D 64 18.35 -11.69 2.16
CA VAL D 64 17.53 -12.52 3.01
C VAL D 64 16.23 -11.81 3.36
N ASN D 65 16.31 -10.49 3.42
CA ASN D 65 15.14 -9.68 3.68
C ASN D 65 14.17 -9.82 2.51
N TYR D 66 14.70 -9.81 1.28
CA TYR D 66 13.87 -9.86 0.10
C TYR D 66 13.13 -11.21 0.05
N ILE D 67 13.89 -12.30 0.24
CA ILE D 67 13.35 -13.64 0.20
C ILE D 67 12.23 -13.78 1.20
N ASP D 68 12.52 -13.46 2.47
CA ASP D 68 11.52 -13.52 3.54
C ASP D 68 10.28 -12.70 3.24
N ARG D 69 10.44 -11.52 2.64
CA ARG D 69 9.28 -10.68 2.26
C ARG D 69 8.51 -11.29 1.10
N PHE D 70 9.23 -11.80 0.10
CA PHE D 70 8.62 -12.53 -1.00
C PHE D 70 7.78 -13.74 -0.57
N LEU D 71 8.37 -14.63 0.24
CA LEU D 71 7.66 -15.79 0.73
C LEU D 71 6.51 -15.45 1.68
N SER D 72 6.45 -14.19 2.10
CA SER D 72 5.35 -13.79 2.98
C SER D 72 4.06 -13.57 2.19
N SER D 73 4.16 -13.38 0.88
CA SER D 73 2.91 -13.23 0.12
C SER D 73 2.76 -14.18 -1.04
N MET D 74 3.77 -14.99 -1.34
CA MET D 74 3.67 -15.92 -2.46
C MET D 74 4.06 -17.33 -2.15
N SER D 75 3.19 -18.27 -2.55
CA SER D 75 3.46 -19.71 -2.40
C SER D 75 4.54 -20.15 -3.35
N VAL D 76 5.55 -20.84 -2.84
CA VAL D 76 6.65 -21.30 -3.69
C VAL D 76 6.92 -22.80 -3.49
N LEU D 77 6.97 -23.55 -4.59
CA LEU D 77 7.31 -24.97 -4.51
C LEU D 77 8.79 -25.13 -4.21
N ARG D 78 9.17 -26.26 -3.65
CA ARG D 78 10.54 -26.53 -3.23
C ARG D 78 11.55 -26.47 -4.37
N GLY D 79 11.15 -26.85 -5.58
CA GLY D 79 12.07 -26.84 -6.71
C GLY D 79 12.25 -25.45 -7.29
N LYS D 80 11.55 -24.46 -6.73
CA LYS D 80 11.72 -23.06 -7.19
C LYS D 80 12.34 -22.14 -6.14
N LEU D 81 12.50 -22.66 -4.92
CA LEU D 81 13.04 -21.87 -3.80
C LEU D 81 14.43 -21.27 -4.10
N GLN D 82 15.25 -22.04 -4.80
CA GLN D 82 16.61 -21.61 -5.13
C GLN D 82 16.58 -20.53 -6.16
N LEU D 83 15.55 -20.57 -7.00
CA LEU D 83 15.38 -19.52 -8.04
C LEU D 83 14.99 -18.19 -7.43
N VAL D 84 14.12 -18.22 -6.41
CA VAL D 84 13.80 -17.04 -5.64
C VAL D 84 15.06 -16.53 -4.96
N GLY D 85 15.82 -17.43 -4.35
CA GLY D 85 17.04 -17.04 -3.65
C GLY D 85 18.08 -16.43 -4.57
N THR D 86 18.23 -16.99 -5.77
CA THR D 86 19.20 -16.46 -6.72
C THR D 86 18.81 -15.09 -7.29
N ALA D 87 17.53 -14.92 -7.59
CA ALA D 87 17.02 -13.62 -8.04
C ALA D 87 17.15 -12.54 -6.95
N ALA D 88 17.06 -12.93 -5.68
CA ALA D 88 17.18 -12.00 -4.59
C ALA D 88 18.65 -11.59 -4.38
N MET D 89 19.57 -12.55 -4.52
CA MET D 89 20.99 -12.26 -4.47
C MET D 89 21.40 -11.30 -5.60
N LEU D 90 20.85 -11.52 -6.78
CA LEU D 90 21.08 -10.63 -7.88
C LEU D 90 20.55 -9.20 -7.58
N LEU D 91 19.34 -9.05 -7.04
CA LEU D 91 18.82 -7.72 -6.78
C LEU D 91 19.67 -7.00 -5.71
N ALA D 92 19.93 -7.71 -4.61
CA ALA D 92 20.76 -7.21 -3.55
C ALA D 92 22.13 -6.76 -4.07
N SER D 93 22.75 -7.55 -4.95
CA SER D 93 24.01 -7.18 -5.65
C SER D 93 23.92 -5.90 -6.47
N LYS D 94 22.88 -5.76 -7.32
CA LYS D 94 22.72 -4.55 -8.06
C LYS D 94 22.50 -3.31 -7.18
N PHE D 95 21.74 -3.46 -6.08
CA PHE D 95 21.54 -2.36 -5.12
C PHE D 95 22.82 -1.92 -4.39
N GLU D 96 23.55 -2.90 -3.85
CA GLU D 96 24.61 -2.65 -2.87
C GLU D 96 26.05 -2.71 -3.40
N GLU D 97 26.29 -3.48 -4.45
CA GLU D 97 27.67 -3.66 -4.94
C GLU D 97 28.06 -2.59 -5.93
N ILE D 98 29.35 -2.27 -5.89
CA ILE D 98 29.96 -1.42 -6.90
C ILE D 98 29.76 -1.98 -8.32
N TYR D 99 30.31 -3.16 -8.57
CA TYR D 99 30.08 -3.90 -9.82
C TYR D 99 29.49 -5.25 -9.45
N PRO D 100 28.25 -5.51 -9.87
CA PRO D 100 27.72 -6.81 -9.47
C PRO D 100 28.13 -7.92 -10.46
N PRO D 101 28.29 -9.16 -9.98
CA PRO D 101 28.49 -10.25 -10.92
C PRO D 101 27.36 -10.36 -11.92
N GLU D 102 27.69 -10.88 -13.11
CA GLU D 102 26.77 -10.97 -14.27
C GLU D 102 25.69 -12.00 -14.02
N VAL D 103 24.57 -11.90 -14.74
CA VAL D 103 23.53 -12.89 -14.56
C VAL D 103 24.08 -14.26 -14.84
N ALA D 104 24.86 -14.39 -15.90
CA ALA D 104 25.46 -15.68 -16.27
C ALA D 104 26.17 -16.35 -15.09
N GLU D 105 26.82 -15.54 -14.25
CA GLU D 105 27.45 -16.08 -13.04
C GLU D 105 26.38 -16.61 -12.09
N PHE D 106 25.25 -15.91 -11.98
CA PHE D 106 24.22 -16.38 -11.06
C PHE D 106 23.54 -17.65 -11.56
N VAL D 107 23.40 -17.76 -12.88
CA VAL D 107 23.00 -19.01 -13.52
C VAL D 107 24.03 -20.12 -13.29
N TYR D 108 25.30 -19.81 -13.53
CA TYR D 108 26.39 -20.75 -13.31
C TYR D 108 26.39 -21.37 -11.92
N ILE D 109 26.32 -20.55 -10.88
CA ILE D 109 26.43 -21.09 -9.52
C ILE D 109 25.23 -21.92 -9.07
N THR D 110 24.16 -21.96 -9.88
CA THR D 110 23.10 -22.97 -9.72
C THR D 110 23.37 -24.36 -10.36
N ASP D 111 24.38 -24.46 -11.23
CA ASP D 111 24.61 -25.70 -11.98
C ASP D 111 23.65 -25.80 -13.17
N ASP D 112 23.45 -24.72 -13.90
CA ASP D 112 22.26 -24.61 -14.76
C ASP D 112 21.05 -25.43 -14.31
N THR D 113 20.67 -25.28 -13.04
CA THR D 113 19.34 -25.66 -12.61
C THR D 113 18.23 -24.81 -13.24
N TYR D 114 18.53 -23.54 -13.49
CA TYR D 114 17.58 -22.62 -14.14
C TYR D 114 18.26 -21.97 -15.34
N THR D 115 17.48 -21.45 -16.27
CA THR D 115 18.07 -20.69 -17.34
C THR D 115 18.16 -19.21 -16.97
N LYS D 116 18.93 -18.49 -17.77
CA LYS D 116 19.06 -17.07 -17.65
C LYS D 116 17.70 -16.39 -17.69
N LYS D 117 16.87 -16.81 -18.62
CA LYS D 117 15.55 -16.22 -18.81
C LYS D 117 14.68 -16.36 -17.54
N GLN D 118 14.73 -17.53 -16.91
CA GLN D 118 14.05 -17.72 -15.64
C GLN D 118 14.56 -16.79 -14.55
N VAL D 119 15.86 -16.49 -14.57
CA VAL D 119 16.45 -15.64 -13.52
C VAL D 119 15.96 -14.21 -13.71
N LEU D 120 15.97 -13.76 -14.96
CA LEU D 120 15.49 -12.46 -15.38
C LEU D 120 13.99 -12.26 -15.13
N ARG D 121 13.19 -13.30 -15.34
CA ARG D 121 11.77 -13.24 -14.98
C ARG D 121 11.50 -13.24 -13.46
N MET D 122 12.30 -13.98 -12.71
CA MET D 122 12.13 -14.02 -11.26
C MET D 122 12.50 -12.69 -10.65
N GLU D 123 13.60 -12.10 -11.14
CA GLU D 123 13.99 -10.73 -10.75
C GLU D 123 12.85 -9.73 -10.95
N HIS D 124 12.22 -9.75 -12.13
CA HIS D 124 11.06 -8.93 -12.36
C HIS D 124 9.94 -9.24 -11.37
N LEU D 125 9.62 -10.51 -11.16
CA LEU D 125 8.49 -10.80 -10.30
C LEU D 125 8.77 -10.33 -8.88
N VAL D 126 10.00 -10.55 -8.39
CA VAL D 126 10.39 -10.13 -7.03
C VAL D 126 10.30 -8.61 -6.86
N LEU D 127 10.79 -7.87 -7.86
CA LEU D 127 10.55 -6.41 -7.91
C LEU D 127 9.07 -6.05 -7.80
N LYS D 128 8.21 -6.64 -8.64
CA LYS D 128 6.79 -6.34 -8.53
C LYS D 128 6.21 -6.65 -7.14
N VAL D 129 6.51 -7.82 -6.57
CA VAL D 129 5.95 -8.19 -5.28
C VAL D 129 6.45 -7.32 -4.12
N LEU D 130 7.74 -6.99 -4.09
CA LEU D 130 8.28 -6.06 -3.11
C LEU D 130 7.91 -4.62 -3.41
N THR D 131 7.22 -4.37 -4.52
CA THR D 131 6.95 -3.00 -5.01
C THR D 131 8.20 -2.10 -4.98
N PHE D 132 9.35 -2.69 -5.32
CA PHE D 132 10.57 -1.91 -5.46
C PHE D 132 11.06 -1.32 -4.14
N ASP D 133 10.53 -1.77 -2.99
CA ASP D 133 11.08 -1.34 -1.71
C ASP D 133 12.33 -2.13 -1.36
N LEU D 134 13.48 -1.66 -1.83
CA LEU D 134 14.69 -2.42 -1.63
C LEU D 134 15.63 -1.90 -0.55
N ALA D 135 15.44 -0.67 -0.08
CA ALA D 135 16.39 -0.06 0.87
C ALA D 135 16.01 -0.46 2.29
N ALA D 136 16.19 -1.73 2.61
CA ALA D 136 15.69 -2.25 3.84
C ALA D 136 16.74 -2.14 4.96
N PRO D 137 16.36 -1.72 6.16
CA PRO D 137 17.30 -1.76 7.29
C PRO D 137 17.71 -3.18 7.62
N THR D 138 18.95 -3.38 8.02
CA THR D 138 19.46 -4.73 8.30
C THR D 138 20.14 -4.72 9.65
N VAL D 139 20.29 -5.91 10.22
CA VAL D 139 21.08 -6.10 11.46
C VAL D 139 22.42 -5.41 11.36
N ASN D 140 23.14 -5.71 10.28
CA ASN D 140 24.40 -5.11 9.88
C ASN D 140 24.42 -3.58 9.92
N GLN D 141 23.33 -2.92 9.52
CA GLN D 141 23.30 -1.46 9.54
C GLN D 141 23.18 -0.91 10.96
N PHE D 142 22.42 -1.58 11.82
CA PHE D 142 22.34 -1.11 13.20
C PHE D 142 23.64 -1.34 13.98
N LEU D 143 24.24 -2.51 13.81
CA LEU D 143 25.55 -2.78 14.35
C LEU D 143 26.49 -1.67 13.93
N THR D 144 26.52 -1.34 12.64
CA THR D 144 27.43 -0.29 12.18
C THR D 144 27.18 0.97 13.02
N GLN D 145 25.93 1.31 13.25
CA GLN D 145 25.66 2.45 14.14
C GLN D 145 26.07 2.27 15.60
N TYR D 146 25.74 1.11 16.17
CA TYR D 146 26.10 0.80 17.57
C TYR D 146 27.61 0.85 17.80
N PHE D 147 28.39 0.47 16.79
CA PHE D 147 29.84 0.43 16.96
C PHE D 147 30.44 1.78 17.34
N LEU D 148 29.83 2.87 16.90
CA LEU D 148 30.29 4.23 17.25
C LEU D 148 30.33 4.50 18.77
N HIS D 149 29.68 3.66 19.56
CA HIS D 149 29.52 3.93 20.98
C HIS D 149 30.36 3.01 21.83
N GLN D 150 31.57 2.74 21.35
CA GLN D 150 32.42 1.73 21.93
C GLN D 150 33.68 2.44 22.38
N GLN D 151 34.10 2.15 23.61
CA GLN D 151 35.29 2.80 24.16
C GLN D 151 36.21 1.81 24.90
N PRO D 152 37.38 1.49 24.33
CA PRO D 152 37.82 1.95 23.01
C PRO D 152 37.26 1.03 21.92
N ALA D 153 37.52 1.35 20.65
CA ALA D 153 37.18 0.42 19.56
C ALA D 153 37.93 -0.90 19.71
N ASN D 154 37.16 -1.98 19.85
CA ASN D 154 37.74 -3.30 19.88
C ASN D 154 37.16 -4.15 18.78
N CYS D 155 37.98 -4.52 17.82
CA CYS D 155 37.42 -5.18 16.66
C CYS D 155 37.28 -6.72 16.72
N LYS D 156 37.65 -7.34 17.84
CA LYS D 156 37.15 -8.70 18.08
C LYS D 156 35.67 -8.62 18.45
N VAL D 157 35.31 -7.55 19.14
CA VAL D 157 33.93 -7.31 19.50
C VAL D 157 33.10 -6.99 18.26
N GLU D 158 33.71 -6.27 17.32
CA GLU D 158 33.07 -5.93 16.07
C GLU D 158 32.85 -7.15 15.20
N SER D 159 33.89 -7.97 15.03
CA SER D 159 33.75 -9.15 14.19
C SER D 159 32.82 -10.19 14.80
N LEU D 160 32.85 -10.33 16.12
CA LEU D 160 32.04 -11.33 16.76
C LEU D 160 30.58 -10.89 16.70
N ALA D 161 30.29 -9.60 16.85
CA ALA D 161 28.89 -9.16 16.86
C ALA D 161 28.26 -9.42 15.51
N MET D 162 29.08 -9.22 14.48
CA MET D 162 28.74 -9.43 13.09
C MET D 162 28.43 -10.90 12.89
N PHE D 163 29.39 -11.75 13.26
CA PHE D 163 29.21 -13.19 13.29
C PHE D 163 27.88 -13.64 13.86
N LEU D 164 27.53 -13.09 15.01
CA LEU D 164 26.35 -13.54 15.73
C LEU D 164 25.11 -13.08 14.99
N GLY D 165 25.16 -11.86 14.42
CA GLY D 165 24.08 -11.34 13.59
C GLY D 165 23.88 -12.12 12.32
N GLU D 166 24.95 -12.66 11.73
CA GLU D 166 24.77 -13.51 10.55
C GLU D 166 24.14 -14.83 10.94
N LEU D 167 24.57 -15.41 12.05
CA LEU D 167 23.95 -16.68 12.44
C LEU D 167 22.45 -16.53 12.59
N SER D 168 21.98 -15.31 12.84
CA SER D 168 20.57 -15.13 13.13
C SER D 168 19.77 -15.19 11.83
N LEU D 169 20.45 -15.02 10.70
CA LEU D 169 19.76 -15.06 9.43
C LEU D 169 19.24 -16.47 9.14
N ILE D 170 19.91 -17.46 9.72
CA ILE D 170 19.77 -18.86 9.31
C ILE D 170 18.46 -19.45 9.84
N ASP D 171 18.06 -19.03 11.03
CA ASP D 171 16.90 -19.63 11.68
C ASP D 171 15.75 -18.69 11.77
N ALA D 172 14.71 -18.97 10.99
CA ALA D 172 13.56 -18.09 10.93
C ALA D 172 12.81 -18.16 12.26
N ASP D 173 12.76 -19.32 12.86
CA ASP D 173 12.26 -19.42 14.23
C ASP D 173 13.53 -19.66 15.08
N PRO D 174 13.79 -18.81 16.10
CA PRO D 174 12.98 -17.71 16.63
C PRO D 174 13.19 -16.30 15.99
N TYR D 175 14.22 -16.15 15.18
CA TYR D 175 14.69 -14.80 14.88
C TYR D 175 13.74 -13.90 14.10
N LEU D 176 12.82 -14.48 13.33
CA LEU D 176 11.93 -13.65 12.55
C LEU D 176 10.94 -12.87 13.43
N LYS D 177 10.91 -13.16 14.72
CA LYS D 177 10.01 -12.38 15.57
C LYS D 177 10.69 -11.19 16.26
N TYR D 178 11.96 -10.96 15.97
CA TYR D 178 12.67 -9.80 16.51
C TYR D 178 13.01 -8.75 15.44
N LEU D 179 12.80 -7.46 15.74
CA LEU D 179 13.30 -6.38 14.84
C LEU D 179 14.82 -6.46 14.65
N PRO D 180 15.36 -6.04 13.47
CA PRO D 180 16.84 -6.07 13.35
C PRO D 180 17.59 -5.12 14.30
N SER D 181 16.92 -4.13 14.87
CA SER D 181 17.62 -3.30 15.84
C SER D 181 17.81 -4.05 17.15
N VAL D 182 16.95 -5.00 17.41
CA VAL D 182 17.02 -5.75 18.65
C VAL D 182 18.04 -6.86 18.46
N ILE D 183 17.92 -7.61 17.38
CA ILE D 183 18.93 -8.63 17.12
C ILE D 183 20.30 -8.00 17.21
N ALA D 184 20.49 -6.83 16.62
CA ALA D 184 21.79 -6.15 16.69
C ALA D 184 22.16 -5.77 18.13
N GLY D 185 21.15 -5.32 18.89
CA GLY D 185 21.34 -4.95 20.30
C GLY D 185 21.82 -6.15 21.09
N ALA D 186 21.09 -7.25 20.98
CA ALA D 186 21.51 -8.48 21.62
C ALA D 186 22.88 -8.90 21.12
N ALA D 187 23.17 -8.75 19.83
CA ALA D 187 24.45 -9.29 19.34
C ALA D 187 25.64 -8.51 19.85
N PHE D 188 25.39 -7.24 20.22
CA PHE D 188 26.49 -6.36 20.60
C PHE D 188 26.82 -6.65 22.05
N HIS D 189 25.79 -6.64 22.89
CA HIS D 189 25.95 -7.09 24.24
C HIS D 189 26.73 -8.41 24.33
N LEU D 190 26.25 -9.44 23.64
CA LEU D 190 26.86 -10.77 23.68
C LEU D 190 28.33 -10.74 23.28
N ALA D 191 28.62 -10.01 22.20
CA ALA D 191 29.98 -9.99 21.70
C ALA D 191 30.89 -9.35 22.78
N LEU D 192 30.37 -8.26 23.34
CA LEU D 192 31.08 -7.36 24.24
C LEU D 192 31.35 -8.12 25.53
N TYR D 193 30.28 -8.67 26.09
CA TYR D 193 30.36 -9.47 27.31
C TYR D 193 31.35 -10.60 27.13
N THR D 194 31.39 -11.18 25.94
CA THR D 194 32.17 -12.38 25.72
C THR D 194 33.65 -12.10 25.69
N VAL D 195 34.03 -11.01 25.05
CA VAL D 195 35.44 -10.69 24.79
C VAL D 195 36.12 -9.88 25.89
N THR D 196 35.31 -9.20 26.73
CA THR D 196 35.85 -8.23 27.70
C THR D 196 35.11 -8.23 29.04
N GLY D 197 33.87 -8.73 29.04
CA GLY D 197 33.12 -8.86 30.28
C GLY D 197 32.26 -7.64 30.53
N GLN D 198 32.24 -6.73 29.56
CA GLN D 198 31.44 -5.50 29.69
C GLN D 198 30.01 -5.65 29.21
N SER D 199 29.24 -4.58 29.40
CA SER D 199 27.80 -4.62 29.18
C SER D 199 27.29 -3.54 28.21
N TRP D 200 26.13 -3.80 27.62
CA TRP D 200 25.33 -2.83 26.90
C TRP D 200 25.48 -1.44 27.51
N PRO D 201 26.19 -0.51 26.81
CA PRO D 201 26.65 0.76 27.39
C PRO D 201 25.45 1.63 27.68
N GLU D 202 25.59 2.59 28.60
CA GLU D 202 24.49 3.50 28.92
C GLU D 202 24.19 4.47 27.77
N SER D 203 25.23 4.84 27.01
CA SER D 203 25.00 5.68 25.82
C SER D 203 24.14 5.01 24.73
N LEU D 204 24.15 3.67 24.67
CA LEU D 204 23.26 2.94 23.76
C LEU D 204 21.87 2.72 24.33
N ILE D 205 21.78 2.56 25.66
CA ILE D 205 20.45 2.60 26.31
C ILE D 205 19.72 3.92 26.00
N ARG D 206 20.44 5.03 26.09
CA ARG D 206 19.83 6.34 25.88
C ARG D 206 19.44 6.54 24.39
N LYS D 207 20.33 6.07 23.48
CA LYS D 207 20.14 6.28 22.06
C LYS D 207 18.96 5.47 21.56
N THR D 208 18.90 4.19 21.94
CA THR D 208 17.94 3.25 21.34
C THR D 208 16.69 3.11 22.21
N GLY D 209 16.82 3.44 23.49
CA GLY D 209 15.73 3.25 24.44
C GLY D 209 15.52 1.79 24.85
N TYR D 210 16.57 0.98 24.69
CA TYR D 210 16.53 -0.46 24.96
C TYR D 210 17.34 -0.75 26.24
N THR D 211 16.63 -1.12 27.29
CA THR D 211 17.27 -1.64 28.51
C THR D 211 17.92 -2.97 28.15
N LEU D 212 19.03 -3.31 28.79
CA LEU D 212 19.46 -4.71 28.89
C LEU D 212 18.29 -5.68 29.11
N GLU D 213 17.33 -5.23 29.90
CA GLU D 213 16.19 -6.04 30.27
C GLU D 213 15.33 -6.32 29.04
N SER D 214 15.05 -5.29 28.24
CA SER D 214 14.22 -5.50 27.07
C SER D 214 14.88 -6.38 26.02
N LEU D 215 16.20 -6.50 26.05
CA LEU D 215 16.90 -7.41 25.13
C LEU D 215 16.97 -8.86 25.60
N LYS D 216 16.61 -9.11 26.85
CA LYS D 216 16.61 -10.45 27.46
C LYS D 216 16.03 -11.61 26.62
N PRO D 217 14.75 -11.51 26.19
CA PRO D 217 14.23 -12.60 25.34
C PRO D 217 15.16 -12.95 24.17
N CYS D 218 15.67 -11.93 23.49
CA CYS D 218 16.40 -12.15 22.24
C CYS D 218 17.82 -12.63 22.54
N LEU D 219 18.37 -12.06 23.60
CA LEU D 219 19.69 -12.38 24.09
C LEU D 219 19.80 -13.84 24.58
N MET D 220 18.76 -14.36 25.22
CA MET D 220 18.75 -15.80 25.52
C MET D 220 18.80 -16.70 24.29
N ASP D 221 17.93 -16.44 23.30
CA ASP D 221 17.93 -17.19 22.04
C ASP D 221 19.32 -17.23 21.37
N LEU D 222 20.01 -16.09 21.38
CA LEU D 222 21.29 -15.95 20.70
C LEU D 222 22.39 -16.70 21.42
N HIS D 223 22.26 -16.75 22.73
CA HIS D 223 23.21 -17.46 23.55
C HIS D 223 23.10 -18.98 23.24
N GLN D 224 21.86 -19.49 23.31
CA GLN D 224 21.54 -20.83 22.86
C GLN D 224 22.13 -21.07 21.45
N THR D 225 21.80 -20.21 20.49
CA THR D 225 22.38 -20.32 19.14
C THR D 225 23.90 -20.38 19.18
N TYR D 226 24.51 -19.44 19.89
CA TYR D 226 25.98 -19.38 19.97
C TYR D 226 26.53 -20.67 20.57
N LEU D 227 25.90 -21.13 21.64
CA LEU D 227 26.30 -22.39 22.28
C LEU D 227 26.28 -23.55 21.28
N LYS D 228 25.19 -23.65 20.54
CA LYS D 228 24.95 -24.77 19.63
C LYS D 228 25.66 -24.65 18.27
N ALA D 229 26.21 -23.48 18.00
CA ALA D 229 26.80 -23.28 16.69
C ALA D 229 27.64 -24.44 16.16
N PRO D 230 28.53 -25.02 16.99
CA PRO D 230 29.31 -26.17 16.45
C PRO D 230 28.45 -27.33 15.94
N GLN D 231 27.30 -27.55 16.53
CA GLN D 231 26.53 -28.71 16.14
C GLN D 231 25.54 -28.44 14.99
N HIS D 232 25.52 -27.22 14.47
CA HIS D 232 24.45 -26.85 13.55
C HIS D 232 24.58 -27.55 12.20
N ALA D 233 23.45 -27.90 11.61
CA ALA D 233 23.49 -28.51 10.27
C ALA D 233 24.16 -27.62 9.20
N GLN D 234 24.00 -26.31 9.34
CA GLN D 234 24.62 -25.31 8.47
C GLN D 234 25.92 -24.74 9.06
N GLN D 235 26.99 -24.73 8.27
CA GLN D 235 28.32 -24.44 8.80
C GLN D 235 29.03 -23.33 8.05
N SER D 236 28.37 -22.73 7.05
CA SER D 236 29.10 -21.88 6.12
C SER D 236 29.57 -20.63 6.84
N ILE D 237 28.78 -20.16 7.81
CA ILE D 237 29.10 -18.92 8.49
C ILE D 237 30.29 -19.15 9.43
N ARG D 238 30.26 -20.20 10.25
CA ARG D 238 31.44 -20.53 11.07
C ARG D 238 32.70 -20.65 10.23
N GLU D 239 32.59 -21.26 9.06
CA GLU D 239 33.75 -21.40 8.17
C GLU D 239 34.25 -20.03 7.78
N LYS D 240 33.32 -19.14 7.44
CA LYS D 240 33.62 -17.78 7.03
C LYS D 240 34.41 -17.05 8.12
N TYR D 241 33.95 -17.19 9.35
CA TYR D 241 34.44 -16.37 10.44
C TYR D 241 35.65 -16.98 11.14
N LYS D 242 36.28 -17.95 10.48
CA LYS D 242 37.56 -18.49 10.92
C LYS D 242 38.68 -17.71 10.25
N ASN D 243 38.35 -16.93 9.22
CA ASN D 243 39.33 -16.11 8.48
C ASN D 243 40.13 -15.18 9.38
N SER D 244 41.38 -14.92 9.02
CA SER D 244 42.19 -13.95 9.76
C SER D 244 41.50 -12.60 9.61
N LYS D 245 40.69 -12.50 8.58
CA LYS D 245 40.05 -11.23 8.22
C LYS D 245 38.97 -10.89 9.24
N TYR D 246 38.47 -11.91 9.93
CA TYR D 246 37.55 -11.66 11.00
C TYR D 246 38.20 -12.06 12.33
N HIS D 247 39.53 -11.96 12.37
CA HIS D 247 40.27 -12.08 13.63
C HIS D 247 39.95 -13.39 14.33
N GLY D 248 39.43 -14.35 13.55
CA GLY D 248 39.15 -15.71 13.98
C GLY D 248 38.06 -15.89 15.02
N VAL D 249 37.08 -15.00 15.05
CA VAL D 249 36.09 -14.95 16.11
C VAL D 249 35.23 -16.20 16.25
N SER D 250 35.08 -16.96 15.16
CA SER D 250 34.28 -18.20 15.21
C SER D 250 34.95 -19.30 16.03
N LEU D 251 36.26 -19.18 16.30
CA LEU D 251 37.01 -20.08 17.19
C LEU D 251 36.91 -19.74 18.68
N LEU D 252 36.50 -18.53 19.01
CA LEU D 252 36.45 -18.14 20.40
C LEU D 252 35.35 -18.92 21.13
N ASN D 253 35.52 -19.11 22.43
CA ASN D 253 34.64 -19.95 23.21
C ASN D 253 33.49 -19.11 23.77
N PRO D 254 32.25 -19.52 23.53
CA PRO D 254 31.14 -18.84 24.19
C PRO D 254 31.22 -18.88 25.72
N PRO D 255 30.78 -17.83 26.40
CA PRO D 255 30.66 -17.90 27.86
C PRO D 255 29.52 -18.84 28.20
N GLU D 256 29.55 -19.46 29.36
CA GLU D 256 28.55 -20.47 29.68
C GLU D 256 27.34 -19.93 30.44
N THR D 257 27.45 -18.71 30.96
CA THR D 257 26.27 -17.97 31.46
C THR D 257 26.33 -16.49 31.11
N LEU D 258 25.15 -15.88 31.07
CA LEU D 258 25.08 -14.49 30.70
C LEU D 258 24.99 -13.59 31.91
N ASN D 259 24.49 -14.14 33.02
CA ASN D 259 24.63 -13.44 34.28
C ASN D 259 23.62 -12.33 34.48
N LEU D 260 22.46 -12.51 33.86
CA LEU D 260 21.39 -11.50 33.98
C LEU D 260 20.59 -11.69 35.27
N ARG E 2 -25.14 19.28 -19.12
CA ARG E 2 -24.24 20.42 -19.39
C ARG E 2 -22.74 20.14 -19.27
N ARG E 3 -21.93 20.71 -20.20
CA ARG E 3 -20.51 20.94 -19.98
C ARG E 3 -20.24 21.99 -18.93
N PHE E 5 -15.94 25.47 -16.62
CA PHE E 5 -15.14 25.47 -15.37
C PHE E 5 -14.23 26.65 -15.15
N ARG F 2 26.05 -25.37 -6.48
CA ARG F 2 25.23 -26.55 -6.74
C ARG F 2 23.73 -26.34 -6.84
N ARG F 3 22.96 -27.38 -7.23
CA ARG F 3 21.50 -27.49 -7.12
C ARG F 3 20.99 -27.86 -5.76
N PHE F 5 16.59 -30.24 -2.81
CA PHE F 5 15.93 -29.97 -1.51
C PHE F 5 15.08 -31.09 -1.02
#